data_6IIO
#
_entry.id   6IIO
#
_cell.length_a   1.00
_cell.length_b   1.00
_cell.length_c   1.00
_cell.angle_alpha   90.00
_cell.angle_beta   90.00
_cell.angle_gamma   90.00
#
_symmetry.space_group_name_H-M   'P 1'
#
loop_
_entity.id
_entity.type
_entity.pdbx_description
1 polymer VP1
2 polymer VP0
3 polymer VP3
#
loop_
_entity_poly.entity_id
_entity_poly.type
_entity_poly.pdbx_seq_one_letter_code
_entity_poly.pdbx_strand_id
1 'polypeptide(L)'
;GDPVEDIIHDALGNTARRAISGATNVESAADTTPSSHRLETGRVPALQAAETGATSNATDENMIETRCVINRNGVLETTI
NHFFSRSGLVGVVNLTDGGDTTGYATWDIDIMGFVQLRRKCEMFTYMRFNAEFTFVTTTKSGEARPYMLQYMYVPPGAPK
PTGRDAFQWQTATNPSVFVKLTDPPAQVSVPFMSPASAYQWFYDGYPTFGQHPETSNTTYGLCPNNMMGTFAVRVVSREA
SQLKLQTRVYMKLKHVRAWVPRPIRSQPYLLKNFPNYDSSKITNSARDRSSIKQANM
;
A
2 'polypeptide(L)'
;MGAQVSTQKSGSHETGNVATGGSTINFTNINYYKDSYAASATRQDFTQDPKKFTQPVLDSIRELSAPLNSPSVEACGYSD
RVAQLTVGNSSITTQEAANIVLAYGEWPEYCPDTDATAVDKPTRPDVSVNRFYTLDSKMWQENSTGWYWKFPDVLNKTGV
FGQNAQFHYLYRSGFCLHVQCNASKFHQGALLVAVIPEFVIAGRGSNTKPNEAPHPGFTTTFPGTTGATFHDPYVLDSGV
PLSQALIYPHQWVNLRTNNCATVIVPYINAVPFDSAINHSNFGLVVVPVSPLKYSSGATTAIPITITIAPLNSEFGGLRQ
AVSQ
;
B
3 'polypeptide(L)'
;GIPAELRPGTNQFLTTDDDTAAPILPGFTPTPTIHIPGEVHSLLELCRVETILEVNNTTEATGLTRLLIPVSSQNKADEL
CAAFMVDPGRIGPWQSTLVGQICRYYTQWSGSLKVTFMFTGSFMATGKMLVAYSPPGSAQPANRETAMLGTHVIWDFGLQ
SSVSLVIPWISNTHFRTAKTGGNYDYYTAGVVTLWYQTNYVVPPETPGEAYIIAMGAAQDNFTLKICKDTDEVTQQAVLQ
;
C
#
# COMPACT_ATOMS: atom_id res chain seq x y z
N ASN A 73 -7.64 -25.64 -0.62
CA ASN A 73 -8.80 -25.01 0.00
C ASN A 73 -8.49 -24.58 1.43
N GLY A 74 -7.38 -25.09 1.97
CA GLY A 74 -6.96 -24.70 3.29
C GLY A 74 -6.56 -23.24 3.31
N VAL A 75 -7.21 -22.44 4.17
CA VAL A 75 -6.95 -21.01 4.20
C VAL A 75 -5.59 -20.68 4.77
N LEU A 76 -4.95 -21.63 5.43
CA LEU A 76 -3.80 -21.32 6.27
C LEU A 76 -2.63 -20.76 5.47
N GLU A 77 -2.58 -20.96 4.16
CA GLU A 77 -1.48 -20.36 3.42
C GLU A 77 -1.70 -18.89 3.13
N THR A 78 -2.92 -18.41 3.24
CA THR A 78 -3.22 -17.01 2.96
C THR A 78 -3.27 -16.15 4.22
N THR A 79 -3.09 -16.72 5.40
CA THR A 79 -3.13 -15.92 6.60
C THR A 79 -1.99 -14.92 6.58
N ILE A 80 -2.16 -13.84 7.34
CA ILE A 80 -1.17 -12.78 7.29
C ILE A 80 0.14 -13.24 7.89
N ASN A 81 0.11 -14.27 8.73
CA ASN A 81 1.32 -14.71 9.38
C ASN A 81 2.16 -15.59 8.48
N HIS A 82 1.52 -16.51 7.77
CA HIS A 82 2.26 -17.38 6.86
C HIS A 82 2.92 -16.59 5.74
N PHE A 83 2.35 -15.45 5.39
CA PHE A 83 2.86 -14.68 4.27
C PHE A 83 4.21 -14.05 4.58
N PHE A 84 4.48 -13.77 5.85
CA PHE A 84 5.77 -13.22 6.30
C PHE A 84 6.71 -14.26 6.88
N SER A 85 6.36 -15.54 6.87
CA SER A 85 7.19 -16.59 7.45
C SER A 85 8.39 -16.85 6.54
N ARG A 86 9.08 -17.98 6.74
CA ARG A 86 10.12 -18.40 5.81
C ARG A 86 11.31 -17.46 5.78
N SER A 87 12.21 -17.63 6.76
CA SER A 87 13.35 -16.74 6.92
C SER A 87 14.14 -16.57 5.62
N GLY A 88 14.27 -15.32 5.20
CA GLY A 88 15.08 -14.95 4.06
C GLY A 88 16.33 -14.19 4.48
N LEU A 89 17.09 -13.76 3.48
CA LEU A 89 18.35 -13.08 3.71
C LEU A 89 18.09 -11.57 3.77
N VAL A 90 18.30 -10.98 4.95
CA VAL A 90 18.05 -9.55 5.13
C VAL A 90 19.30 -8.71 5.05
N GLY A 91 20.46 -9.32 4.91
CA GLY A 91 21.68 -8.54 4.83
C GLY A 91 22.89 -9.44 4.81
N VAL A 92 24.02 -8.83 4.47
CA VAL A 92 25.29 -9.54 4.48
C VAL A 92 26.37 -8.56 4.89
N VAL A 93 27.30 -9.01 5.73
CA VAL A 93 28.32 -8.13 6.28
C VAL A 93 29.66 -8.81 6.22
N ASN A 94 30.70 -8.04 5.90
CA ASN A 94 32.04 -8.56 5.66
C ASN A 94 32.96 -8.14 6.80
N LEU A 95 33.95 -8.98 7.07
CA LEU A 95 34.83 -8.80 8.22
C LEU A 95 36.24 -9.18 7.83
N THR A 96 37.19 -8.31 8.16
CA THR A 96 38.60 -8.52 7.88
C THR A 96 39.40 -7.96 9.04
N ASP A 97 40.51 -8.61 9.38
CA ASP A 97 41.30 -8.24 10.55
C ASP A 97 42.62 -7.62 10.13
N GLY A 98 42.73 -6.31 10.34
CA GLY A 98 44.03 -5.68 10.43
C GLY A 98 44.37 -5.60 11.90
N GLY A 99 43.32 -5.76 12.72
CA GLY A 99 43.45 -5.87 14.15
C GLY A 99 43.13 -4.61 14.92
N ASP A 100 43.19 -3.44 14.29
CA ASP A 100 43.09 -2.20 15.04
C ASP A 100 42.03 -1.26 14.49
N THR A 101 42.28 -0.70 13.31
CA THR A 101 41.37 0.28 12.72
C THR A 101 39.97 -0.29 12.61
N THR A 102 39.77 -1.26 11.71
CA THR A 102 38.55 -2.04 11.66
C THR A 102 38.94 -3.50 11.84
N GLY A 103 38.62 -4.04 13.01
CA GLY A 103 38.74 -5.46 13.24
C GLY A 103 37.37 -6.09 13.37
N TYR A 104 36.34 -5.28 13.23
CA TYR A 104 34.97 -5.67 13.53
C TYR A 104 34.09 -5.35 12.33
N ALA A 105 32.81 -5.63 12.49
CA ALA A 105 31.82 -5.29 11.49
C ALA A 105 30.49 -5.05 12.19
N THR A 106 29.73 -4.07 11.71
CA THR A 106 28.47 -3.72 12.33
C THR A 106 27.39 -3.69 11.27
N TRP A 107 26.19 -4.10 11.66
CA TRP A 107 25.04 -4.11 10.76
C TRP A 107 23.81 -3.62 11.52
N ASP A 108 23.26 -2.50 11.09
CA ASP A 108 22.01 -2.03 11.68
C ASP A 108 20.86 -2.89 11.21
N ILE A 109 19.91 -3.16 12.09
CA ILE A 109 18.78 -3.98 11.70
C ILE A 109 17.84 -3.12 10.88
N ASP A 110 17.68 -3.47 9.61
CA ASP A 110 16.74 -2.82 8.72
C ASP A 110 16.12 -3.88 7.83
N ILE A 111 14.79 -3.95 7.83
CA ILE A 111 14.13 -4.91 6.95
C ILE A 111 13.75 -4.29 5.62
N MET A 112 13.95 -2.99 5.47
CA MET A 112 13.82 -2.32 4.18
C MET A 112 14.96 -2.64 3.23
N GLY A 113 15.95 -3.39 3.68
CA GLY A 113 17.18 -3.56 2.92
C GLY A 113 16.97 -4.05 1.50
N PHE A 114 16.32 -5.18 1.32
CA PHE A 114 16.10 -5.69 -0.02
C PHE A 114 14.68 -5.37 -0.46
N VAL A 115 14.41 -5.59 -1.74
CA VAL A 115 13.17 -5.09 -2.32
C VAL A 115 12.03 -6.10 -2.28
N GLN A 116 12.33 -7.37 -2.02
CA GLN A 116 11.26 -8.35 -1.92
C GLN A 116 10.47 -8.17 -0.64
N LEU A 117 11.17 -8.15 0.49
CA LEU A 117 10.49 -8.03 1.76
C LEU A 117 10.02 -6.60 2.01
N ARG A 118 10.71 -5.62 1.44
CA ARG A 118 10.24 -4.25 1.56
C ARG A 118 8.86 -4.08 0.93
N ARG A 119 8.71 -4.55 -0.30
CA ARG A 119 7.45 -4.39 -0.99
C ARG A 119 6.31 -5.12 -0.29
N LYS A 120 6.62 -6.15 0.50
CA LYS A 120 5.57 -6.85 1.22
C LYS A 120 5.13 -6.09 2.46
N CYS A 121 6.06 -5.60 3.26
CA CYS A 121 5.65 -4.90 4.47
C CYS A 121 5.33 -3.44 4.23
N GLU A 122 5.41 -2.98 2.99
CA GLU A 122 4.89 -1.67 2.64
C GLU A 122 3.48 -1.72 2.08
N MET A 123 2.87 -2.89 2.01
CA MET A 123 1.44 -2.92 1.70
C MET A 123 0.61 -2.83 2.95
N PHE A 124 1.23 -2.63 4.10
CA PHE A 124 0.50 -2.34 5.31
C PHE A 124 1.06 -1.07 5.93
N THR A 125 0.40 -0.62 6.98
CA THR A 125 0.76 0.60 7.65
C THR A 125 1.37 0.36 9.01
N TYR A 126 0.65 -0.33 9.89
CA TYR A 126 1.14 -0.71 11.20
C TYR A 126 1.36 -2.21 11.20
N MET A 127 2.52 -2.64 11.70
CA MET A 127 2.83 -4.06 11.84
C MET A 127 3.52 -4.30 13.16
N ARG A 128 3.21 -5.43 13.79
CA ARG A 128 3.78 -5.81 15.07
C ARG A 128 4.21 -7.25 14.95
N PHE A 129 5.46 -7.53 15.30
CA PHE A 129 6.00 -8.88 15.10
C PHE A 129 7.24 -9.07 15.96
N ASN A 130 7.81 -10.26 15.85
CA ASN A 130 9.09 -10.64 16.43
C ASN A 130 10.07 -10.96 15.33
N ALA A 131 11.34 -10.87 15.64
CA ALA A 131 12.38 -11.22 14.68
C ALA A 131 13.20 -12.38 15.22
N GLU A 132 13.67 -13.21 14.31
CA GLU A 132 14.50 -14.36 14.62
C GLU A 132 15.65 -14.38 13.62
N PHE A 133 16.87 -14.19 14.10
CA PHE A 133 18.03 -14.05 13.23
C PHE A 133 18.91 -15.29 13.31
N THR A 134 19.41 -15.71 12.16
CA THR A 134 20.34 -16.82 12.07
C THR A 134 21.56 -16.35 11.30
N PHE A 135 22.74 -16.56 11.87
CA PHE A 135 23.98 -16.02 11.34
C PHE A 135 24.77 -17.14 10.70
N VAL A 136 24.87 -17.11 9.38
CA VAL A 136 25.67 -18.09 8.64
C VAL A 136 26.99 -17.42 8.27
N THR A 137 28.08 -17.91 8.84
CA THR A 137 29.39 -17.33 8.64
C THR A 137 30.31 -18.36 8.02
N THR A 138 31.02 -17.97 6.97
CA THR A 138 32.05 -18.79 6.35
C THR A 138 33.28 -17.94 6.13
N THR A 139 34.33 -18.56 5.62
CA THR A 139 35.57 -17.86 5.30
C THR A 139 35.57 -17.48 3.83
N LYS A 140 36.63 -16.79 3.41
CA LYS A 140 36.72 -16.35 2.03
C LYS A 140 36.88 -17.55 1.11
N SER A 141 37.79 -18.45 1.44
CA SER A 141 37.91 -19.70 0.70
C SER A 141 36.72 -20.63 0.98
N GLY A 142 36.05 -20.45 2.10
CA GLY A 142 34.87 -21.20 2.43
C GLY A 142 35.06 -22.29 3.46
N GLU A 143 36.27 -22.76 3.66
CA GLU A 143 36.52 -23.87 4.59
C GLU A 143 36.69 -23.33 5.99
N ALA A 144 35.92 -23.88 6.92
CA ALA A 144 35.92 -23.40 8.29
C ALA A 144 37.19 -23.86 9.01
N ARG A 145 37.26 -23.48 10.29
CA ARG A 145 38.37 -23.63 11.23
C ARG A 145 37.87 -23.16 12.58
N PRO A 146 38.22 -23.75 13.58
CA PRO A 146 37.58 -23.48 14.88
C PRO A 146 38.04 -22.19 15.54
N TYR A 147 37.70 -21.07 14.93
CA TYR A 147 37.83 -19.75 15.53
C TYR A 147 36.52 -19.37 16.22
N MET A 148 36.65 -18.66 17.32
CA MET A 148 35.48 -18.24 18.08
C MET A 148 35.06 -16.84 17.67
N LEU A 149 33.75 -16.63 17.60
CA LEU A 149 33.16 -15.38 17.18
C LEU A 149 32.29 -14.82 18.30
N GLN A 150 32.05 -13.52 18.25
CA GLN A 150 31.16 -12.87 19.20
C GLN A 150 30.15 -12.04 18.45
N TYR A 151 28.89 -12.31 18.67
CA TYR A 151 27.80 -11.54 18.08
C TYR A 151 27.19 -10.71 19.19
N MET A 152 27.43 -9.41 19.15
CA MET A 152 26.87 -8.48 20.12
C MET A 152 25.66 -7.79 19.52
N TYR A 153 24.58 -7.74 20.30
CA TYR A 153 23.36 -7.04 19.92
C TYR A 153 23.17 -5.86 20.84
N VAL A 154 23.34 -4.66 20.31
CA VAL A 154 23.20 -3.43 21.08
C VAL A 154 21.78 -2.92 20.91
N PRO A 155 20.92 -3.03 21.92
CA PRO A 155 19.53 -2.64 21.76
C PRO A 155 19.42 -1.17 21.45
N PRO A 156 18.29 -0.70 20.93
CA PRO A 156 18.19 0.68 20.50
C PRO A 156 18.44 1.65 21.65
N GLY A 157 19.32 2.61 21.42
CA GLY A 157 19.71 3.59 22.42
C GLY A 157 21.08 3.39 23.01
N ALA A 158 21.69 2.24 22.83
CA ALA A 158 23.02 2.00 23.35
C ALA A 158 24.09 2.41 22.34
N PRO A 159 25.26 2.82 22.80
CA PRO A 159 26.34 3.16 21.87
C PRO A 159 26.93 1.93 21.20
N LYS A 160 27.28 2.07 19.94
CA LYS A 160 27.80 1.01 19.09
C LYS A 160 29.31 0.88 19.26
N PRO A 161 29.83 -0.33 19.10
CA PRO A 161 31.28 -0.53 19.26
C PRO A 161 32.05 0.29 18.25
N THR A 162 33.03 1.04 18.75
CA THR A 162 33.83 1.91 17.92
C THR A 162 35.16 1.28 17.51
N GLY A 163 35.44 0.08 17.99
CA GLY A 163 36.70 -0.57 17.66
C GLY A 163 36.67 -2.01 18.12
N ARG A 164 37.58 -2.79 17.55
CA ARG A 164 37.69 -4.19 17.95
C ARG A 164 37.94 -4.32 19.45
N ASP A 165 38.82 -3.50 19.98
CA ASP A 165 39.24 -3.56 21.37
C ASP A 165 38.50 -2.61 22.28
N ALA A 166 37.49 -1.91 21.77
CA ALA A 166 36.80 -0.89 22.55
C ALA A 166 36.09 -1.51 23.74
N PHE A 167 35.83 -0.67 24.75
CA PHE A 167 35.18 -1.14 25.98
C PHE A 167 33.71 -1.43 25.76
N GLN A 168 33.19 -1.14 24.57
CA GLN A 168 31.78 -1.40 24.30
C GLN A 168 31.45 -2.88 24.41
N TRP A 169 32.42 -3.73 24.09
CA TRP A 169 32.16 -5.16 23.97
C TRP A 169 31.98 -5.83 25.32
N GLN A 170 32.45 -5.23 26.40
CA GLN A 170 32.31 -5.82 27.72
C GLN A 170 31.08 -5.33 28.45
N THR A 171 30.27 -4.49 27.83
CA THR A 171 29.04 -4.03 28.46
C THR A 171 28.10 -5.20 28.70
N ALA A 172 27.67 -5.35 29.94
CA ALA A 172 26.86 -6.51 30.31
C ALA A 172 25.49 -6.46 29.69
N THR A 173 24.93 -5.26 29.50
CA THR A 173 23.57 -5.16 29.01
C THR A 173 23.44 -5.40 27.52
N ASN A 174 24.56 -5.51 26.80
CA ASN A 174 24.50 -5.86 25.38
C ASN A 174 24.64 -7.36 25.30
N PRO A 175 23.57 -8.10 25.01
CA PRO A 175 23.69 -9.55 24.98
C PRO A 175 24.64 -9.99 23.90
N SER A 176 25.24 -11.16 24.08
CA SER A 176 26.16 -11.69 23.10
C SER A 176 26.00 -13.18 23.02
N VAL A 177 26.46 -13.75 21.91
CA VAL A 177 26.52 -15.19 21.74
C VAL A 177 27.91 -15.53 21.25
N PHE A 178 28.65 -16.28 22.05
CA PHE A 178 29.95 -16.78 21.65
C PHE A 178 29.73 -18.14 21.01
N VAL A 179 30.13 -18.28 19.76
CA VAL A 179 29.93 -19.50 19.01
C VAL A 179 31.13 -19.71 18.12
N LYS A 180 31.59 -20.95 18.00
CA LYS A 180 32.74 -21.22 17.16
C LYS A 180 32.34 -21.28 15.70
N LEU A 181 33.31 -21.00 14.83
CA LEU A 181 33.03 -20.88 13.41
C LEU A 181 32.62 -22.22 12.80
N THR A 182 33.05 -23.33 13.40
CA THR A 182 32.79 -24.64 12.84
C THR A 182 31.45 -25.22 13.28
N ASP A 183 30.70 -24.49 14.09
CA ASP A 183 29.42 -24.96 14.62
C ASP A 183 28.31 -24.71 13.62
N PRO A 184 27.13 -25.28 13.85
CA PRO A 184 25.94 -24.78 13.18
C PRO A 184 25.72 -23.32 13.49
N PRO A 185 24.95 -22.61 12.67
CA PRO A 185 24.80 -21.17 12.87
C PRO A 185 24.22 -20.83 14.23
N ALA A 186 24.45 -19.59 14.65
CA ALA A 186 23.89 -19.07 15.89
C ALA A 186 22.55 -18.42 15.63
N GLN A 187 21.64 -18.56 16.59
CA GLN A 187 20.26 -18.12 16.36
C GLN A 187 19.70 -17.48 17.61
N VAL A 188 19.02 -16.35 17.43
CA VAL A 188 18.45 -15.59 18.53
C VAL A 188 17.12 -15.00 18.11
N SER A 189 16.32 -14.61 19.09
CA SER A 189 15.04 -13.95 18.87
C SER A 189 15.06 -12.56 19.46
N VAL A 190 14.33 -11.65 18.82
CA VAL A 190 14.23 -10.28 19.32
C VAL A 190 12.75 -10.01 19.61
N PRO A 191 12.42 -9.35 20.69
CA PRO A 191 11.02 -9.05 20.97
C PRO A 191 10.55 -7.87 20.14
N PHE A 192 9.38 -7.34 20.46
CA PHE A 192 8.87 -6.15 19.82
C PHE A 192 9.36 -4.95 20.61
N MET A 193 10.28 -4.18 20.04
CA MET A 193 11.07 -3.24 20.80
C MET A 193 10.53 -1.82 20.83
N SER A 194 9.49 -1.52 20.08
CA SER A 194 9.08 -0.12 19.95
C SER A 194 8.42 0.37 21.23
N PRO A 195 8.54 1.67 21.53
CA PRO A 195 7.68 2.25 22.56
C PRO A 195 6.24 2.37 22.12
N ALA A 196 6.00 2.54 20.84
CA ALA A 196 4.68 2.54 20.26
C ALA A 196 4.09 1.14 20.26
N SER A 197 2.79 1.06 20.04
CA SER A 197 2.12 -0.24 20.04
C SER A 197 2.38 -1.07 18.78
N ALA A 198 2.89 -0.46 17.72
CA ALA A 198 3.23 -1.21 16.51
C ALA A 198 4.23 -0.39 15.72
N TYR A 199 4.97 -1.04 14.84
CA TYR A 199 5.80 -0.28 13.94
C TYR A 199 4.91 0.44 12.94
N GLN A 200 5.44 1.50 12.35
CA GLN A 200 4.77 2.14 11.23
C GLN A 200 5.81 2.56 10.21
N TRP A 201 5.65 2.06 8.99
CA TRP A 201 6.63 2.32 7.95
C TRP A 201 6.30 3.59 7.19
N PHE A 202 5.11 4.13 7.38
CA PHE A 202 4.64 5.35 6.74
C PHE A 202 4.30 6.34 7.83
N TYR A 203 5.10 7.39 7.97
CA TYR A 203 4.85 8.41 8.98
C TYR A 203 4.76 9.76 8.29
N ASP A 204 3.62 10.40 8.39
CA ASP A 204 3.40 11.70 7.77
C ASP A 204 3.57 12.75 8.85
N GLY A 205 4.66 13.48 8.79
CA GLY A 205 4.92 14.49 9.78
C GLY A 205 6.40 14.64 10.03
N TYR A 206 6.69 15.29 11.15
CA TYR A 206 8.04 15.62 11.56
C TYR A 206 8.34 15.05 12.94
N PRO A 207 9.55 14.55 13.17
CA PRO A 207 9.87 13.99 14.49
C PRO A 207 9.99 15.04 15.57
N THR A 208 10.31 16.29 15.22
CA THR A 208 10.63 17.31 16.20
C THR A 208 9.38 18.03 16.69
N PHE A 209 9.35 18.33 17.98
CA PHE A 209 8.30 19.13 18.59
C PHE A 209 8.69 20.59 18.76
N GLY A 210 9.90 20.95 18.38
CA GLY A 210 10.48 22.25 18.72
C GLY A 210 10.08 23.38 17.81
N GLN A 211 8.96 23.24 17.09
CA GLN A 211 8.53 24.20 16.08
C GLN A 211 9.56 24.32 14.97
N HIS A 212 9.62 23.28 14.14
CA HIS A 212 10.57 23.21 13.05
C HIS A 212 10.40 24.43 12.14
N PRO A 213 11.42 25.27 11.98
CA PRO A 213 11.22 26.54 11.28
C PRO A 213 10.80 26.37 9.83
N GLU A 214 11.52 25.53 9.07
CA GLU A 214 11.24 25.20 7.68
C GLU A 214 10.53 26.29 6.86
N THR A 218 14.10 17.34 4.68
CA THR A 218 14.87 16.11 4.61
C THR A 218 14.64 15.25 5.86
N THR A 219 14.06 15.87 6.89
CA THR A 219 13.68 15.18 8.10
C THR A 219 12.23 14.70 8.06
N TYR A 220 11.54 14.90 6.95
CA TYR A 220 10.14 14.55 6.81
C TYR A 220 10.00 13.06 6.55
N GLY A 221 9.22 12.38 7.39
CA GLY A 221 8.91 10.98 7.20
C GLY A 221 9.74 10.01 8.04
N LEU A 222 10.87 10.46 8.58
CA LEU A 222 11.77 9.56 9.30
C LEU A 222 11.44 9.62 10.78
N CYS A 223 10.92 8.52 11.32
CA CYS A 223 10.58 8.42 12.74
C CYS A 223 11.57 7.51 13.46
N PRO A 224 12.18 7.98 14.55
CA PRO A 224 13.12 7.12 15.29
C PRO A 224 12.49 5.88 15.88
N ASN A 225 11.16 5.82 15.95
CA ASN A 225 10.49 4.74 16.67
C ASN A 225 10.82 3.37 16.10
N ASN A 226 11.16 3.29 14.82
CA ASN A 226 11.37 2.01 14.17
C ASN A 226 12.76 1.45 14.35
N MET A 227 13.62 2.11 15.12
CA MET A 227 14.95 1.55 15.35
C MET A 227 14.81 0.23 16.10
N MET A 228 15.30 -0.84 15.50
CA MET A 228 15.24 -2.17 16.09
C MET A 228 16.53 -2.61 16.74
N GLY A 229 17.56 -1.78 16.70
CA GLY A 229 18.84 -2.16 17.27
C GLY A 229 19.86 -2.47 16.20
N THR A 230 20.96 -3.07 16.65
CA THR A 230 22.13 -3.27 15.80
C THR A 230 22.84 -4.54 16.24
N PHE A 231 23.46 -5.22 15.28
CA PHE A 231 24.40 -6.28 15.58
C PHE A 231 25.82 -5.83 15.26
N ALA A 232 26.77 -6.37 16.00
CA ALA A 232 28.17 -6.15 15.72
C ALA A 232 28.90 -7.48 15.88
N VAL A 233 29.94 -7.68 15.08
CA VAL A 233 30.63 -8.95 15.02
C VAL A 233 32.12 -8.71 15.16
N ARG A 234 32.79 -9.60 15.88
CA ARG A 234 34.24 -9.55 16.06
C ARG A 234 34.73 -10.99 16.13
N VAL A 235 36.04 -11.16 16.04
CA VAL A 235 36.66 -12.44 16.34
C VAL A 235 37.31 -12.35 17.71
N VAL A 236 37.06 -13.33 18.55
CA VAL A 236 37.60 -13.34 19.90
C VAL A 236 39.04 -13.84 19.84
N SER A 237 39.97 -13.01 20.30
CA SER A 237 41.38 -13.35 20.31
C SER A 237 42.14 -12.20 20.97
N ARG A 238 43.33 -12.52 21.46
CA ARG A 238 44.19 -11.51 22.07
C ARG A 238 44.97 -10.74 21.00
N GLU A 239 45.50 -11.46 20.02
CA GLU A 239 46.12 -10.87 18.85
C GLU A 239 45.13 -10.92 17.69
N ALA A 240 45.52 -10.35 16.56
CA ALA A 240 44.67 -10.36 15.37
C ALA A 240 44.91 -11.64 14.57
N SER A 241 43.83 -12.22 14.08
CA SER A 241 43.89 -13.37 13.20
C SER A 241 43.57 -12.92 11.78
N GLN A 242 44.36 -13.37 10.82
CA GLN A 242 44.35 -12.76 9.50
C GLN A 242 43.23 -13.26 8.61
N LEU A 243 42.33 -14.08 9.14
CA LEU A 243 41.23 -14.62 8.35
C LEU A 243 40.27 -13.52 7.92
N LYS A 244 39.46 -13.84 6.92
CA LYS A 244 38.46 -12.92 6.38
C LYS A 244 37.13 -13.65 6.29
N LEU A 245 36.06 -12.99 6.73
CA LEU A 245 34.77 -13.61 6.88
C LEU A 245 33.70 -12.74 6.24
N GLN A 246 32.60 -13.38 5.85
CA GLN A 246 31.36 -12.66 5.60
C GLN A 246 30.21 -13.43 6.24
N THR A 247 29.21 -12.69 6.68
CA THR A 247 28.11 -13.25 7.44
C THR A 247 26.81 -12.99 6.71
N ARG A 248 26.20 -14.06 6.21
CA ARG A 248 24.84 -13.97 5.73
C ARG A 248 23.91 -14.06 6.93
N VAL A 249 22.97 -13.13 7.03
CA VAL A 249 22.07 -13.07 8.18
C VAL A 249 20.64 -13.25 7.69
N TYR A 250 20.02 -14.34 8.09
CA TYR A 250 18.68 -14.70 7.69
C TYR A 250 17.71 -14.36 8.81
N MET A 251 16.59 -13.74 8.47
CA MET A 251 15.65 -13.26 9.46
C MET A 251 14.27 -13.86 9.21
N LYS A 252 13.72 -14.48 10.24
CA LYS A 252 12.37 -14.99 10.23
C LYS A 252 11.50 -14.07 11.07
N LEU A 253 10.23 -13.98 10.72
CA LEU A 253 9.40 -12.91 11.23
C LEU A 253 8.18 -13.57 11.84
N LYS A 254 8.01 -13.48 13.16
CA LYS A 254 7.06 -14.34 13.86
C LYS A 254 5.98 -13.55 14.59
N HIS A 255 4.82 -14.19 14.74
CA HIS A 255 3.68 -13.62 15.44
C HIS A 255 3.23 -12.32 14.80
N VAL A 256 3.04 -12.36 13.49
CA VAL A 256 2.86 -11.12 12.73
C VAL A 256 1.40 -10.70 12.77
N ARG A 257 1.17 -9.47 13.22
CA ARG A 257 -0.11 -8.79 13.13
C ARG A 257 0.08 -7.59 12.22
N ALA A 258 -0.92 -7.30 11.40
CA ALA A 258 -0.82 -6.20 10.45
C ALA A 258 -2.16 -5.49 10.35
N TRP A 259 -2.10 -4.17 10.12
CA TRP A 259 -3.29 -3.33 10.16
C TRP A 259 -3.35 -2.40 8.95
N VAL A 260 -4.57 -1.97 8.65
CA VAL A 260 -4.89 -0.87 7.73
C VAL A 260 -4.03 -0.94 6.47
N PRO A 261 -4.37 -1.83 5.55
CA PRO A 261 -3.49 -2.11 4.41
C PRO A 261 -3.38 -0.94 3.45
N ARG A 262 -2.36 -1.03 2.61
CA ARG A 262 -2.11 -0.05 1.56
C ARG A 262 -2.22 -0.71 0.20
N PRO A 263 -2.12 0.05 -0.88
CA PRO A 263 -1.78 -0.54 -2.18
C PRO A 263 -0.28 -0.80 -2.29
N ILE A 264 0.05 -1.73 -3.16
CA ILE A 264 1.43 -2.19 -3.32
C ILE A 264 2.05 -1.43 -4.48
N ARG A 265 3.34 -1.14 -4.35
CA ARG A 265 3.98 -0.11 -5.17
C ARG A 265 4.15 -0.55 -6.60
N SER A 266 3.77 0.33 -7.54
CA SER A 266 4.05 0.10 -8.95
C SER A 266 5.45 0.55 -9.34
N GLN A 267 5.88 1.68 -8.84
CA GLN A 267 7.10 2.29 -9.35
C GLN A 267 8.33 1.71 -8.68
N PRO A 268 9.48 1.74 -9.35
CA PRO A 268 10.71 1.28 -8.70
C PRO A 268 11.15 2.22 -7.60
N TYR A 269 12.04 1.72 -6.75
CA TYR A 269 12.57 2.46 -5.63
C TYR A 269 13.87 3.15 -6.01
N LEU A 270 14.07 4.36 -5.47
CA LEU A 270 15.29 5.12 -5.75
C LEU A 270 16.12 5.26 -4.51
N LEU A 271 15.64 6.06 -3.57
CA LEU A 271 16.31 6.21 -2.29
C LEU A 271 15.90 5.06 -1.36
N LYS A 272 16.82 4.69 -0.47
CA LYS A 272 16.56 3.55 0.40
C LYS A 272 15.37 3.81 1.32
N ASN A 273 15.43 4.87 2.11
CA ASN A 273 14.54 5.05 3.23
C ASN A 273 13.30 5.88 2.90
N PHE A 274 13.17 6.35 1.67
CA PHE A 274 12.15 7.32 1.31
C PHE A 274 11.31 6.87 0.12
N PRO A 275 10.05 7.30 0.06
CA PRO A 275 9.17 6.91 -1.04
C PRO A 275 9.56 7.49 -2.40
N ASN A 276 10.50 8.42 -2.47
CA ASN A 276 10.76 9.19 -3.68
C ASN A 276 10.86 8.29 -4.91
N TYR A 277 10.25 8.73 -6.01
CA TYR A 277 10.24 8.00 -7.27
C TYR A 277 10.62 8.95 -8.40
N ASP A 278 10.62 8.41 -9.61
CA ASP A 278 11.05 9.15 -10.80
C ASP A 278 9.81 9.63 -11.56
N SER A 279 9.67 10.94 -11.69
CA SER A 279 8.48 11.50 -12.31
C SER A 279 8.49 11.43 -13.82
N SER A 280 9.67 11.50 -14.43
CA SER A 280 9.74 11.52 -15.89
C SER A 280 9.60 10.14 -16.51
N LYS A 281 10.10 9.11 -15.84
CA LYS A 281 10.23 7.78 -16.40
C LYS A 281 9.05 6.88 -16.07
N ILE A 282 7.96 7.43 -15.52
CA ILE A 282 6.93 6.62 -14.88
C ILE A 282 6.53 5.45 -15.76
N THR A 283 6.54 4.26 -15.17
CA THR A 283 6.18 3.05 -15.88
C THR A 283 4.72 2.74 -15.66
N ASN A 284 4.07 2.23 -16.70
CA ASN A 284 2.66 1.94 -16.64
C ASN A 284 2.43 0.63 -15.90
N SER A 285 1.31 0.56 -15.17
CA SER A 285 1.08 -0.59 -14.30
C SER A 285 0.83 -1.86 -15.09
N ALA A 286 0.28 -1.76 -16.30
CA ALA A 286 -0.07 -2.92 -17.08
C ALA A 286 0.57 -2.83 -18.45
N ARG A 287 1.23 -3.92 -18.86
CA ARG A 287 1.87 -3.94 -20.17
C ARG A 287 0.85 -3.76 -21.26
N ASP A 288 1.20 -2.97 -22.27
CA ASP A 288 0.29 -2.60 -23.33
C ASP A 288 0.07 -3.77 -24.30
N ARG A 289 -0.78 -3.53 -25.30
CA ARG A 289 -1.12 -4.53 -26.29
C ARG A 289 -1.38 -3.79 -27.61
N SER A 290 -1.98 -4.49 -28.57
CA SER A 290 -2.16 -3.90 -29.90
C SER A 290 -3.30 -2.90 -29.94
N SER A 291 -4.54 -3.37 -29.78
CA SER A 291 -5.71 -2.51 -29.78
C SER A 291 -6.62 -2.91 -28.64
N ILE A 292 -7.48 -1.98 -28.24
CA ILE A 292 -8.32 -2.21 -27.08
C ILE A 292 -9.31 -3.34 -27.32
N LYS A 293 -9.80 -3.48 -28.54
CA LYS A 293 -10.86 -4.43 -28.80
C LYS A 293 -10.35 -5.77 -29.33
N GLN A 294 -9.04 -5.96 -29.40
CA GLN A 294 -8.44 -7.25 -29.74
C GLN A 294 -7.84 -7.84 -28.48
N ALA A 295 -8.34 -9.00 -28.06
CA ALA A 295 -7.85 -9.66 -26.85
C ALA A 295 -6.93 -10.80 -27.28
N ASN A 296 -5.63 -10.59 -27.08
CA ASN A 296 -4.57 -11.54 -27.41
C ASN A 296 -4.88 -12.49 -28.56
N ALA B 97 -26.92 11.56 1.68
CA ALA B 97 -27.37 10.91 2.90
C ALA B 97 -27.82 9.49 2.62
N ALA B 98 -27.83 9.11 1.33
CA ALA B 98 -28.27 7.78 0.95
C ALA B 98 -27.33 6.71 1.50
N ASN B 99 -26.03 6.92 1.37
CA ASN B 99 -25.04 5.96 1.83
C ASN B 99 -23.91 6.71 2.52
N ILE B 100 -23.58 6.28 3.72
CA ILE B 100 -22.41 6.77 4.43
C ILE B 100 -21.35 5.68 4.37
N VAL B 101 -20.09 6.08 4.26
CA VAL B 101 -18.99 5.14 4.32
C VAL B 101 -18.42 5.21 5.73
N LEU B 102 -18.46 4.10 6.42
CA LEU B 102 -17.97 4.04 7.79
C LEU B 102 -16.61 3.37 7.74
N ALA B 103 -15.55 4.14 7.96
CA ALA B 103 -14.20 3.67 7.67
C ALA B 103 -13.84 2.51 8.57
N TYR B 104 -13.44 1.40 7.95
CA TYR B 104 -12.96 0.22 8.67
C TYR B 104 -14.01 -0.31 9.63
N GLY B 105 -15.29 -0.08 9.33
CA GLY B 105 -16.38 -0.66 10.07
C GLY B 105 -16.35 -0.43 11.56
N GLU B 106 -15.73 0.67 12.00
CA GLU B 106 -15.60 0.93 13.43
C GLU B 106 -15.83 2.41 13.68
N TRP B 107 -16.69 2.73 14.71
CA TRP B 107 -17.16 4.05 15.12
C TRP B 107 -16.14 4.75 16.01
N PRO B 108 -16.10 6.08 15.97
CA PRO B 108 -15.23 6.82 16.88
C PRO B 108 -15.65 6.63 18.33
N GLU B 109 -14.67 6.57 19.20
CA GLU B 109 -14.89 6.45 20.64
C GLU B 109 -13.89 7.33 21.36
N TYR B 110 -14.14 7.56 22.64
CA TYR B 110 -13.24 8.36 23.45
C TYR B 110 -12.09 7.48 23.94
N CYS B 111 -11.26 8.04 24.84
CA CYS B 111 -10.13 7.31 25.37
C CYS B 111 -10.61 6.09 26.13
N PRO B 112 -10.08 4.90 25.84
CA PRO B 112 -10.57 3.69 26.51
C PRO B 112 -10.12 3.56 27.96
N ASP B 113 -10.84 4.21 28.87
CA ASP B 113 -10.57 4.09 30.30
C ASP B 113 -10.57 2.63 30.74
N PRO B 122 -5.57 14.13 28.60
CA PRO B 122 -6.81 13.43 28.24
C PRO B 122 -8.05 14.06 28.85
N THR B 123 -8.58 15.10 28.20
CA THR B 123 -9.80 15.76 28.62
C THR B 123 -10.70 15.93 27.40
N ARG B 124 -11.94 16.33 27.65
CA ARG B 124 -12.88 16.49 26.58
C ARG B 124 -13.41 17.92 26.55
N PRO B 125 -13.55 18.55 25.37
CA PRO B 125 -14.10 19.90 25.29
C PRO B 125 -15.62 19.91 25.20
N ASP B 126 -16.28 19.14 26.08
CA ASP B 126 -17.72 19.01 26.10
C ASP B 126 -18.30 18.84 24.71
N VAL B 127 -19.33 19.62 24.39
CA VAL B 127 -19.85 19.73 23.03
C VAL B 127 -19.28 20.94 22.31
N SER B 128 -18.34 21.66 22.93
CA SER B 128 -17.95 22.98 22.44
C SER B 128 -17.35 22.93 21.04
N VAL B 129 -16.67 21.83 20.69
CA VAL B 129 -16.02 21.72 19.39
C VAL B 129 -16.93 21.11 18.33
N ASN B 130 -18.19 20.83 18.66
CA ASN B 130 -19.06 20.07 17.77
C ASN B 130 -19.82 21.05 16.88
N ARG B 131 -19.47 21.09 15.60
CA ARG B 131 -20.09 21.98 14.63
C ARG B 131 -19.38 21.79 13.30
N PHE B 132 -20.03 22.23 12.23
CA PHE B 132 -19.50 22.03 10.88
C PHE B 132 -18.50 23.11 10.53
N TYR B 133 -17.38 22.71 9.95
CA TYR B 133 -16.43 23.62 9.33
C TYR B 133 -16.49 23.41 7.83
N THR B 134 -16.69 24.48 7.08
CA THR B 134 -16.89 24.39 5.64
C THR B 134 -15.70 25.05 4.95
N LEU B 135 -14.89 24.25 4.27
CA LEU B 135 -13.70 24.74 3.61
C LEU B 135 -14.05 25.48 2.33
N ASP B 136 -13.11 26.31 1.89
CA ASP B 136 -13.25 26.99 0.62
C ASP B 136 -13.37 25.98 -0.50
N SER B 137 -14.41 26.13 -1.32
CA SER B 137 -14.70 25.13 -2.34
C SER B 137 -13.63 25.15 -3.43
N LYS B 138 -13.35 23.98 -3.98
CA LYS B 138 -12.41 23.85 -5.07
C LYS B 138 -13.13 23.83 -6.40
N MET B 139 -12.52 24.45 -7.39
CA MET B 139 -13.16 24.72 -8.65
C MET B 139 -12.64 23.72 -9.68
N TRP B 140 -13.48 22.78 -10.07
CA TRP B 140 -13.08 21.66 -10.90
C TRP B 140 -13.49 21.87 -12.35
N GLN B 141 -12.52 21.70 -13.24
CA GLN B 141 -12.64 22.04 -14.64
C GLN B 141 -11.96 20.97 -15.47
N GLU B 142 -11.97 21.14 -16.79
CA GLU B 142 -11.61 20.05 -17.69
C GLU B 142 -10.26 19.43 -17.35
N ASN B 143 -9.28 20.26 -17.07
CA ASN B 143 -7.90 19.83 -16.88
C ASN B 143 -7.53 19.59 -15.42
N SER B 144 -8.49 19.70 -14.50
CA SER B 144 -8.19 19.58 -13.08
C SER B 144 -7.59 18.24 -12.74
N THR B 145 -6.52 18.25 -11.96
CA THR B 145 -5.72 17.07 -11.66
C THR B 145 -5.97 16.45 -10.29
N GLY B 146 -6.81 17.04 -9.45
CA GLY B 146 -7.08 16.48 -8.14
C GLY B 146 -6.50 17.32 -7.01
N TRP B 147 -6.90 16.98 -5.79
CA TRP B 147 -6.59 17.76 -4.61
C TRP B 147 -6.34 16.83 -3.42
N TYR B 148 -5.74 17.37 -2.36
CA TYR B 148 -5.65 16.62 -1.11
C TYR B 148 -5.49 17.56 0.07
N TRP B 149 -5.92 17.08 1.24
CA TRP B 149 -5.90 17.85 2.49
C TRP B 149 -5.33 16.97 3.59
N LYS B 150 -4.16 17.34 4.12
CA LYS B 150 -3.63 16.64 5.28
C LYS B 150 -4.51 16.97 6.47
N PHE B 151 -5.09 15.96 7.08
CA PHE B 151 -6.32 16.39 7.72
C PHE B 151 -6.16 17.09 9.06
N PRO B 152 -5.45 16.53 10.06
CA PRO B 152 -5.32 17.27 11.32
C PRO B 152 -4.37 18.43 11.16
N ASP B 153 -4.55 19.15 10.07
CA ASP B 153 -3.77 20.30 9.66
C ASP B 153 -4.76 21.36 9.22
N VAL B 154 -5.64 20.99 8.29
CA VAL B 154 -6.62 21.89 7.69
C VAL B 154 -7.30 22.74 8.75
N LEU B 155 -7.66 22.13 9.86
CA LEU B 155 -8.33 22.84 10.94
C LEU B 155 -7.38 23.43 11.94
N ASN B 156 -6.07 23.35 11.70
CA ASN B 156 -5.13 23.72 12.74
C ASN B 156 -5.13 25.23 12.99
N LYS B 157 -5.15 26.02 11.92
CA LYS B 157 -5.06 27.47 12.07
C LYS B 157 -6.40 28.19 12.02
N THR B 158 -7.52 27.47 11.94
CA THR B 158 -8.83 28.11 11.77
C THR B 158 -9.82 27.57 12.77
N GLY B 159 -10.44 28.45 13.54
CA GLY B 159 -11.59 28.12 14.35
C GLY B 159 -11.24 27.90 15.81
N VAL B 160 -12.29 27.68 16.60
CA VAL B 160 -12.11 27.32 18.00
C VAL B 160 -11.36 26.00 18.11
N PHE B 161 -11.62 25.08 17.18
CA PHE B 161 -10.84 23.85 17.12
C PHE B 161 -9.36 24.16 16.92
N GLY B 162 -9.06 25.21 16.14
CA GLY B 162 -7.68 25.52 15.84
C GLY B 162 -6.92 26.05 17.04
N GLN B 163 -7.59 26.84 17.89
CA GLN B 163 -6.92 27.38 19.07
C GLN B 163 -6.58 26.27 20.05
N ASN B 164 -7.45 25.28 20.20
CA ASN B 164 -7.17 24.16 21.09
C ASN B 164 -5.95 23.38 20.61
N ALA B 165 -5.92 23.05 19.32
CA ALA B 165 -4.87 22.17 18.80
C ALA B 165 -3.50 22.81 18.90
N GLN B 166 -3.41 24.11 18.63
CA GLN B 166 -2.11 24.77 18.71
C GLN B 166 -1.65 24.95 20.15
N PHE B 167 -2.58 25.06 21.09
CA PHE B 167 -2.24 25.30 22.49
C PHE B 167 -2.21 24.03 23.34
N HIS B 168 -2.46 22.87 22.75
CA HIS B 168 -2.41 21.60 23.49
C HIS B 168 -1.37 20.69 22.87
N TYR B 169 -0.64 19.98 23.75
CA TYR B 169 0.50 19.18 23.31
C TYR B 169 0.09 17.83 22.75
N LEU B 170 -1.05 17.29 23.19
CA LEU B 170 -1.54 16.00 22.73
C LEU B 170 -2.92 16.17 22.12
N TYR B 171 -3.27 15.26 21.22
CA TYR B 171 -4.51 15.39 20.45
C TYR B 171 -5.08 14.03 20.08
N ARG B 172 -6.41 13.94 20.11
CA ARG B 172 -7.12 12.74 19.69
C ARG B 172 -8.48 13.15 19.15
N SER B 173 -8.93 12.51 18.06
CA SER B 173 -10.31 12.66 17.59
C SER B 173 -10.51 11.87 16.31
N GLY B 174 -11.78 11.62 15.99
CA GLY B 174 -12.21 11.21 14.67
C GLY B 174 -12.90 12.33 13.93
N PHE B 175 -13.43 11.98 12.76
CA PHE B 175 -14.03 12.99 11.90
C PHE B 175 -15.22 12.43 11.14
N CYS B 176 -16.02 13.35 10.59
CA CYS B 176 -17.10 13.04 9.67
C CYS B 176 -16.99 13.99 8.50
N LEU B 177 -16.82 13.46 7.30
CA LEU B 177 -16.51 14.24 6.12
C LEU B 177 -17.65 14.17 5.12
N HIS B 178 -18.07 15.33 4.61
CA HIS B 178 -19.11 15.41 3.60
C HIS B 178 -18.53 16.12 2.39
N VAL B 179 -18.60 15.49 1.22
CA VAL B 179 -18.10 16.06 -0.01
C VAL B 179 -19.26 16.18 -0.97
N GLN B 180 -19.65 17.41 -1.29
CA GLN B 180 -20.74 17.67 -2.20
C GLN B 180 -20.18 18.26 -3.49
N CYS B 181 -20.84 17.94 -4.59
CA CYS B 181 -20.48 18.49 -5.89
C CYS B 181 -21.76 18.96 -6.56
N ASN B 182 -21.86 20.26 -6.78
CA ASN B 182 -23.04 20.84 -7.41
C ASN B 182 -22.79 20.97 -8.90
N ALA B 183 -23.72 20.47 -9.70
CA ALA B 183 -23.56 20.51 -11.14
C ALA B 183 -24.85 20.04 -11.77
N SER B 184 -25.02 20.38 -13.04
CA SER B 184 -26.29 20.21 -13.71
C SER B 184 -26.46 18.75 -14.12
N LYS B 185 -27.51 18.47 -14.87
CA LYS B 185 -27.66 17.17 -15.48
C LYS B 185 -26.95 17.08 -16.81
N PHE B 186 -26.49 18.21 -17.35
CA PHE B 186 -25.73 18.20 -18.59
C PHE B 186 -24.24 18.04 -18.38
N HIS B 187 -23.74 18.23 -17.16
CA HIS B 187 -22.36 17.93 -16.86
C HIS B 187 -22.19 16.44 -16.59
N GLN B 188 -20.97 15.95 -16.81
CA GLN B 188 -20.70 14.54 -16.54
C GLN B 188 -19.27 14.38 -16.08
N GLY B 189 -19.01 13.26 -15.43
CA GLY B 189 -17.72 12.99 -14.84
C GLY B 189 -17.87 12.07 -13.65
N ALA B 190 -16.74 11.82 -13.00
CA ALA B 190 -16.72 11.05 -11.76
C ALA B 190 -15.51 11.46 -10.95
N LEU B 191 -15.65 11.41 -9.64
CA LEU B 191 -14.57 11.68 -8.71
C LEU B 191 -14.40 10.50 -7.78
N LEU B 192 -13.20 10.33 -7.25
CA LEU B 192 -12.92 9.30 -6.28
C LEU B 192 -12.55 9.97 -4.96
N VAL B 193 -13.42 9.84 -3.98
CA VAL B 193 -13.24 10.44 -2.68
C VAL B 193 -12.73 9.36 -1.74
N ALA B 194 -11.49 9.50 -1.27
CA ALA B 194 -10.85 8.48 -0.46
C ALA B 194 -10.15 9.12 0.72
N VAL B 195 -10.15 8.42 1.84
CA VAL B 195 -9.47 8.84 3.07
C VAL B 195 -8.37 7.82 3.32
N ILE B 196 -7.12 8.23 3.16
CA ILE B 196 -6.02 7.29 3.14
C ILE B 196 -5.06 7.57 4.29
N PRO B 197 -4.92 6.65 5.24
CA PRO B 197 -4.15 6.97 6.45
C PRO B 197 -2.68 7.15 6.18
N GLU B 198 -2.08 8.05 6.94
CA GLU B 198 -0.65 8.35 6.84
C GLU B 198 -0.24 8.62 5.41
N PHE B 199 -0.98 9.50 4.74
CA PHE B 199 -0.68 9.81 3.36
C PHE B 199 0.61 10.63 3.31
N VAL B 200 1.60 10.11 2.61
CA VAL B 200 2.92 10.70 2.55
C VAL B 200 3.23 10.96 1.10
N ILE B 201 3.35 12.23 0.72
CA ILE B 201 3.71 12.53 -0.65
C ILE B 201 5.19 12.23 -0.80
N ALA B 202 5.70 12.37 -2.01
CA ALA B 202 7.06 11.91 -2.28
C ALA B 202 7.76 12.92 -3.17
N GLY B 203 9.09 12.95 -3.06
CA GLY B 203 9.88 13.72 -4.00
C GLY B 203 9.85 13.05 -5.35
N ARG B 204 9.48 13.81 -6.37
CA ARG B 204 9.54 13.37 -7.75
C ARG B 204 10.71 14.07 -8.43
N GLY B 205 10.84 13.88 -9.74
CA GLY B 205 11.95 14.51 -10.42
C GLY B 205 13.27 13.89 -10.01
N SER B 206 13.41 12.60 -10.29
CA SER B 206 14.43 11.76 -9.65
C SER B 206 15.83 12.32 -9.77
N ASN B 207 16.47 12.51 -8.62
CA ASN B 207 17.93 12.51 -8.49
C ASN B 207 18.23 11.63 -7.29
N THR B 208 18.88 10.49 -7.53
CA THR B 208 19.07 9.49 -6.49
C THR B 208 20.49 9.61 -5.93
N LYS B 209 20.59 10.15 -4.72
CA LYS B 209 21.83 10.23 -3.97
C LYS B 209 21.47 10.32 -2.50
N PRO B 210 22.46 10.28 -1.59
CA PRO B 210 22.17 10.64 -0.20
C PRO B 210 21.93 12.12 0.02
N ASN B 211 22.32 12.98 -0.92
CA ASN B 211 22.39 14.42 -0.68
C ASN B 211 21.31 15.22 -1.40
N GLU B 212 21.32 15.22 -2.73
CA GLU B 212 20.50 16.15 -3.52
C GLU B 212 19.10 15.62 -3.82
N ALA B 213 18.72 14.48 -3.24
CA ALA B 213 17.40 13.92 -3.46
C ALA B 213 16.31 14.95 -3.14
N PRO B 214 15.50 15.26 -4.06
CA PRO B 214 14.55 16.39 -3.92
C PRO B 214 13.35 16.09 -3.01
N HIS B 215 13.55 16.29 -1.72
CA HIS B 215 12.47 16.10 -0.77
C HIS B 215 11.44 17.21 -0.90
N PRO B 216 10.18 16.93 -0.56
CA PRO B 216 9.13 17.95 -0.71
C PRO B 216 9.29 19.07 0.31
N GLY B 217 8.84 20.26 -0.09
CA GLY B 217 8.83 21.38 0.83
C GLY B 217 7.65 21.32 1.77
N PHE B 218 7.76 22.07 2.88
CA PHE B 218 6.70 22.04 3.89
C PHE B 218 5.36 22.48 3.31
N THR B 219 5.36 23.53 2.50
CA THR B 219 4.11 23.97 1.87
C THR B 219 3.54 22.88 0.97
N THR B 220 4.40 22.02 0.43
CA THR B 220 3.93 20.91 -0.39
C THR B 220 3.46 19.73 0.47
N THR B 221 4.12 19.49 1.60
CA THR B 221 3.72 18.40 2.48
C THR B 221 2.44 18.75 3.23
N PHE B 222 2.50 19.78 4.08
CA PHE B 222 1.29 20.27 4.73
C PHE B 222 0.75 21.45 3.93
N PRO B 223 -0.33 21.28 3.18
CA PRO B 223 -0.80 22.38 2.33
C PRO B 223 -1.48 23.51 3.08
N GLY B 224 -2.12 23.23 4.20
CA GLY B 224 -2.92 24.22 4.88
C GLY B 224 -4.40 24.09 4.56
N THR B 225 -5.12 25.19 4.80
CA THR B 225 -6.56 25.20 4.61
C THR B 225 -6.94 25.06 3.14
N THR B 226 -6.13 25.57 2.23
CA THR B 226 -6.50 25.54 0.82
C THR B 226 -6.13 24.24 0.14
N GLY B 227 -5.57 23.27 0.84
CA GLY B 227 -5.23 22.01 0.21
C GLY B 227 -4.17 22.16 -0.85
N ALA B 228 -3.86 21.06 -1.56
CA ALA B 228 -2.83 21.07 -2.58
C ALA B 228 -3.37 20.35 -3.81
N THR B 229 -2.52 20.22 -4.82
CA THR B 229 -2.96 19.68 -6.10
C THR B 229 -1.92 18.70 -6.62
N PHE B 230 -2.39 17.54 -7.09
CA PHE B 230 -1.46 16.52 -7.56
C PHE B 230 -0.77 16.94 -8.84
N HIS B 231 0.55 16.81 -8.86
CA HIS B 231 1.29 16.96 -10.12
C HIS B 231 0.85 15.89 -11.10
N ASP B 232 1.17 14.63 -10.82
CA ASP B 232 0.65 13.51 -11.60
C ASP B 232 -0.19 12.60 -10.73
N PRO B 233 -1.51 12.62 -10.88
CA PRO B 233 -2.37 11.85 -9.96
C PRO B 233 -2.32 10.36 -10.17
N TYR B 234 -1.82 9.91 -11.32
CA TYR B 234 -1.89 8.49 -11.65
C TYR B 234 -1.20 7.63 -10.59
N VAL B 235 -0.15 8.15 -9.96
CA VAL B 235 0.53 7.48 -8.87
C VAL B 235 0.11 8.00 -7.50
N LEU B 236 -0.84 8.93 -7.44
CA LEU B 236 -1.24 9.62 -6.21
C LEU B 236 -0.08 10.37 -5.57
N ASP B 237 0.97 10.66 -6.33
CA ASP B 237 2.18 11.27 -5.84
C ASP B 237 2.80 10.48 -4.69
N SER B 238 2.38 9.24 -4.51
CA SER B 238 3.01 8.31 -3.59
C SER B 238 3.90 7.29 -4.28
N GLY B 239 3.95 7.30 -5.60
CA GLY B 239 4.51 6.20 -6.34
C GLY B 239 3.66 4.96 -6.39
N VAL B 240 2.51 4.97 -5.73
CA VAL B 240 1.62 3.82 -5.60
C VAL B 240 0.55 3.87 -6.67
N PRO B 241 -0.01 2.72 -7.10
CA PRO B 241 -1.04 2.70 -8.15
C PRO B 241 -2.46 3.14 -7.79
N LEU B 242 -2.84 4.37 -8.11
CA LEU B 242 -4.19 4.88 -7.86
C LEU B 242 -5.29 3.89 -8.19
N SER B 243 -5.14 3.11 -9.26
CA SER B 243 -6.16 2.12 -9.57
C SER B 243 -6.44 1.19 -8.41
N GLN B 244 -5.53 1.11 -7.45
CA GLN B 244 -5.75 0.35 -6.23
C GLN B 244 -6.21 1.20 -5.06
N ALA B 245 -6.40 2.51 -5.25
CA ALA B 245 -6.80 3.36 -4.15
C ALA B 245 -8.13 2.96 -3.56
N LEU B 246 -8.89 2.11 -4.24
CA LEU B 246 -10.17 1.67 -3.70
C LEU B 246 -10.02 0.81 -2.47
N ILE B 247 -8.81 0.45 -2.08
CA ILE B 247 -8.62 -0.26 -0.82
C ILE B 247 -9.13 0.57 0.33
N TYR B 248 -8.74 1.84 0.37
CA TYR B 248 -8.98 2.66 1.51
C TYR B 248 -10.47 2.89 1.67
N PRO B 249 -10.89 3.55 2.75
CA PRO B 249 -12.29 4.00 2.80
C PRO B 249 -12.54 5.00 1.69
N HIS B 250 -13.58 4.74 0.89
CA HIS B 250 -13.75 5.52 -0.31
C HIS B 250 -15.20 5.58 -0.70
N GLN B 251 -15.51 6.52 -1.59
CA GLN B 251 -16.83 6.68 -2.17
C GLN B 251 -16.65 7.23 -3.56
N TRP B 252 -17.51 6.83 -4.48
CA TRP B 252 -17.56 7.43 -5.80
C TRP B 252 -18.62 8.51 -5.79
N VAL B 253 -18.25 9.71 -6.21
CA VAL B 253 -19.23 10.75 -6.46
C VAL B 253 -19.30 10.96 -7.96
N ASN B 254 -20.39 10.49 -8.56
CA ASN B 254 -20.56 10.42 -9.99
C ASN B 254 -21.71 11.34 -10.37
N LEU B 255 -21.42 12.34 -11.19
CA LEU B 255 -22.42 13.35 -11.49
C LEU B 255 -23.68 12.74 -12.10
N ARG B 256 -23.55 11.60 -12.76
CA ARG B 256 -24.71 10.92 -13.30
C ARG B 256 -25.67 10.50 -12.21
N THR B 257 -25.15 10.09 -11.08
CA THR B 257 -25.88 9.61 -9.91
C THR B 257 -25.64 10.61 -8.77
N ASN B 258 -25.95 10.19 -7.55
CA ASN B 258 -25.91 11.09 -6.39
C ASN B 258 -24.62 11.87 -6.34
N ASN B 259 -24.73 13.14 -5.98
CA ASN B 259 -23.61 14.07 -5.97
C ASN B 259 -22.94 14.24 -4.62
N CYS B 260 -23.35 13.50 -3.60
CA CYS B 260 -22.79 13.65 -2.28
C CYS B 260 -22.00 12.40 -1.88
N ALA B 261 -20.97 12.61 -1.08
CA ALA B 261 -20.19 11.51 -0.53
C ALA B 261 -19.87 11.83 0.92
N THR B 262 -20.23 10.93 1.83
CA THR B 262 -19.97 11.14 3.24
C THR B 262 -19.18 9.96 3.77
N VAL B 263 -18.17 10.24 4.59
CA VAL B 263 -17.35 9.19 5.17
C VAL B 263 -17.02 9.55 6.61
N ILE B 264 -17.28 8.64 7.53
CA ILE B 264 -16.88 8.74 8.92
C ILE B 264 -15.61 7.92 9.09
N VAL B 265 -14.59 8.50 9.70
CA VAL B 265 -13.33 7.81 9.94
C VAL B 265 -13.05 7.86 11.43
N PRO B 266 -12.66 6.75 12.05
CA PRO B 266 -12.23 6.77 13.45
C PRO B 266 -10.79 7.23 13.57
N TYR B 267 -10.43 7.58 14.79
CA TYR B 267 -9.04 7.91 15.06
C TYR B 267 -8.20 6.65 14.96
N ILE B 268 -7.18 6.66 14.11
CA ILE B 268 -6.29 5.50 13.98
C ILE B 268 -4.86 5.98 14.12
N ASN B 269 -4.05 5.20 14.84
CA ASN B 269 -2.66 5.51 15.11
C ASN B 269 -2.11 4.41 16.00
N ALA B 270 -0.79 4.29 16.02
CA ALA B 270 -0.15 3.31 16.88
C ALA B 270 -0.15 3.73 18.34
N VAL B 271 -0.40 5.00 18.63
CA VAL B 271 -0.37 5.52 19.99
C VAL B 271 -1.74 6.14 20.26
N PRO B 272 -2.14 6.22 21.54
CA PRO B 272 -3.44 6.84 21.84
C PRO B 272 -3.50 8.32 21.54
N PHE B 273 -2.44 9.06 21.81
CA PHE B 273 -2.40 10.50 21.67
C PHE B 273 -1.20 10.91 20.83
N ASP B 274 -1.34 12.01 20.10
CA ASP B 274 -0.22 12.50 19.32
C ASP B 274 -0.42 13.98 19.05
N SER B 275 0.67 14.64 18.67
CA SER B 275 0.65 16.08 18.45
C SER B 275 -0.19 16.44 17.24
N ALA B 276 -0.91 17.55 17.34
CA ALA B 276 -1.76 17.99 16.23
C ALA B 276 -0.98 18.73 15.16
N ILE B 277 0.08 19.45 15.53
CA ILE B 277 0.78 20.27 14.55
C ILE B 277 1.73 19.42 13.71
N ASN B 278 2.50 18.54 14.33
CA ASN B 278 3.57 17.85 13.60
C ASN B 278 3.04 16.70 12.77
N HIS B 279 2.19 15.85 13.34
CA HIS B 279 1.80 14.59 12.73
C HIS B 279 0.42 14.74 12.09
N SER B 280 0.30 14.33 10.84
CA SER B 280 -0.96 14.38 10.11
C SER B 280 -1.48 12.95 9.98
N ASN B 281 -2.56 12.65 10.69
CA ASN B 281 -3.04 11.27 10.78
C ASN B 281 -3.43 10.73 9.42
N PHE B 282 -4.38 11.39 8.75
CA PHE B 282 -4.82 10.90 7.46
C PHE B 282 -5.01 12.07 6.52
N GLY B 283 -4.78 11.83 5.24
CA GLY B 283 -5.10 12.77 4.20
C GLY B 283 -6.40 12.42 3.49
N LEU B 284 -6.96 13.42 2.82
CA LEU B 284 -8.21 13.29 2.09
C LEU B 284 -7.93 13.59 0.63
N VAL B 285 -8.03 12.58 -0.22
CA VAL B 285 -7.67 12.69 -1.62
C VAL B 285 -8.93 12.69 -2.46
N VAL B 286 -9.04 13.66 -3.36
CA VAL B 286 -10.16 13.80 -4.27
C VAL B 286 -9.59 13.89 -5.67
N VAL B 287 -9.86 12.89 -6.50
CA VAL B 287 -9.31 12.82 -7.84
C VAL B 287 -10.42 12.70 -8.90
N PRO B 288 -10.20 13.34 -10.04
CA PRO B 288 -11.16 13.28 -11.15
C PRO B 288 -10.84 12.14 -12.11
N VAL B 289 -11.12 10.92 -11.70
CA VAL B 289 -10.83 9.74 -12.52
C VAL B 289 -11.31 9.99 -13.95
N SER B 290 -12.60 10.07 -14.13
CA SER B 290 -13.04 10.38 -15.48
C SER B 290 -13.19 11.89 -15.65
N PRO B 291 -12.57 12.49 -16.66
CA PRO B 291 -12.53 13.95 -16.74
C PRO B 291 -13.91 14.56 -16.89
N LEU B 292 -14.02 15.82 -16.46
CA LEU B 292 -15.27 16.56 -16.59
C LEU B 292 -15.50 16.95 -18.03
N LYS B 293 -16.70 16.72 -18.51
CA LYS B 293 -17.09 17.12 -19.86
C LYS B 293 -18.39 17.87 -19.79
N TYR B 294 -18.51 18.88 -20.64
CA TYR B 294 -19.70 19.70 -20.71
C TYR B 294 -19.84 20.24 -22.12
N SER B 295 -21.09 20.47 -22.52
CA SER B 295 -21.33 21.07 -23.82
C SER B 295 -21.07 22.56 -23.79
N SER B 296 -20.83 23.13 -24.96
CA SER B 296 -20.57 24.56 -25.06
C SER B 296 -21.76 25.36 -24.56
N GLY B 297 -21.49 26.37 -23.75
CA GLY B 297 -22.50 27.22 -23.18
C GLY B 297 -22.83 26.92 -21.73
N ALA B 298 -22.55 25.71 -21.27
CA ALA B 298 -22.76 25.37 -19.87
C ALA B 298 -21.70 26.05 -19.02
N THR B 299 -21.98 26.14 -17.72
CA THR B 299 -21.00 26.73 -16.82
C THR B 299 -19.73 25.88 -16.81
N THR B 300 -18.59 26.55 -16.90
CA THR B 300 -17.35 25.87 -17.22
C THR B 300 -16.77 25.12 -16.04
N ALA B 301 -16.82 25.69 -14.85
CA ALA B 301 -16.11 25.17 -13.71
C ALA B 301 -17.09 24.76 -12.62
N ILE B 302 -16.95 23.53 -12.15
CA ILE B 302 -17.87 22.94 -11.19
C ILE B 302 -17.24 23.02 -9.80
N PRO B 303 -17.94 23.54 -8.80
CA PRO B 303 -17.37 23.63 -7.45
C PRO B 303 -17.46 22.33 -6.69
N ILE B 304 -16.52 22.15 -5.77
CA ILE B 304 -16.47 21.00 -4.87
C ILE B 304 -16.35 21.51 -3.46
N THR B 305 -17.32 21.18 -2.62
CA THR B 305 -17.39 21.67 -1.26
C THR B 305 -17.20 20.52 -0.30
N ILE B 306 -16.29 20.67 0.65
CA ILE B 306 -16.01 19.65 1.65
C ILE B 306 -16.28 20.23 3.02
N THR B 307 -17.19 19.58 3.76
CA THR B 307 -17.55 19.97 5.11
C THR B 307 -17.10 18.89 6.08
N ILE B 308 -16.49 19.31 7.18
CA ILE B 308 -15.85 18.39 8.11
C ILE B 308 -16.27 18.72 9.53
N ALA B 309 -16.72 17.71 10.26
CA ALA B 309 -17.18 17.89 11.64
C ALA B 309 -16.29 17.11 12.59
N PRO B 310 -15.43 17.78 13.35
CA PRO B 310 -14.54 17.05 14.27
C PRO B 310 -15.32 16.45 15.42
N LEU B 311 -16.07 15.38 15.16
CA LEU B 311 -16.80 14.75 16.23
C LEU B 311 -15.85 13.96 17.12
N ASN B 312 -16.16 13.93 18.42
CA ASN B 312 -15.46 13.12 19.41
C ASN B 312 -13.98 13.52 19.52
N SER B 313 -13.78 14.69 20.11
CA SER B 313 -12.46 15.30 20.21
C SER B 313 -11.95 15.27 21.64
N GLU B 314 -10.62 15.25 21.77
CA GLU B 314 -9.95 15.33 23.07
C GLU B 314 -8.67 16.13 22.93
N PHE B 315 -8.27 16.75 24.03
CA PHE B 315 -7.07 17.58 24.08
C PHE B 315 -6.37 17.36 25.41
N GLY B 316 -5.16 17.87 25.52
CA GLY B 316 -4.43 17.82 26.77
C GLY B 316 -3.12 18.56 26.67
N GLY B 317 -2.58 18.88 27.85
CA GLY B 317 -1.33 19.60 27.96
C GLY B 317 -1.38 21.05 27.49
N LEU B 318 -2.26 21.85 28.09
CA LEU B 318 -2.42 23.23 27.66
C LEU B 318 -1.16 24.04 27.96
N ARG B 319 -0.90 25.03 27.10
CA ARG B 319 0.30 25.87 27.20
C ARG B 319 -0.15 27.31 27.38
N GLN B 320 0.12 27.88 28.55
CA GLN B 320 -0.17 29.30 28.80
C GLN B 320 0.82 30.18 28.05
N GLY C 1 23.27 -40.49 31.76
CA GLY C 1 22.07 -39.74 31.45
C GLY C 1 21.16 -40.43 30.46
N ILE C 2 20.16 -39.72 29.99
CA ILE C 2 19.20 -40.26 29.03
C ILE C 2 19.94 -40.66 27.77
N PRO C 3 19.91 -41.94 27.39
CA PRO C 3 20.61 -42.35 26.17
C PRO C 3 19.90 -41.79 24.94
N ALA C 4 20.69 -41.20 24.05
CA ALA C 4 20.15 -40.59 22.84
C ALA C 4 20.99 -40.99 21.65
N GLU C 5 20.42 -40.83 20.46
CA GLU C 5 21.11 -41.12 19.22
C GLU C 5 20.76 -40.06 18.19
N LEU C 6 21.78 -39.52 17.54
CA LEU C 6 21.55 -38.50 16.54
C LEU C 6 21.17 -39.13 15.22
N ARG C 7 20.28 -38.47 14.50
CA ARG C 7 19.71 -38.92 13.25
C ARG C 7 20.07 -37.94 12.15
N PRO C 8 20.00 -38.34 10.88
CA PRO C 8 20.25 -37.39 9.81
C PRO C 8 19.34 -36.19 9.92
N GLY C 9 19.81 -35.06 9.41
CA GLY C 9 19.14 -33.81 9.66
C GLY C 9 19.62 -33.09 10.89
N THR C 10 20.67 -33.58 11.52
CA THR C 10 21.30 -32.91 12.64
C THR C 10 22.18 -31.80 12.12
N ASN C 11 22.28 -30.72 12.89
CA ASN C 11 23.18 -29.61 12.58
C ASN C 11 22.86 -28.96 11.26
N GLN C 12 21.61 -29.01 10.81
CA GLN C 12 21.23 -28.37 9.57
C GLN C 12 20.33 -27.19 9.86
N PHE C 13 20.45 -26.16 9.04
CA PHE C 13 19.59 -24.98 9.12
C PHE C 13 18.66 -25.00 7.92
N LEU C 14 17.38 -25.24 8.20
CA LEU C 14 16.33 -25.26 7.19
C LEU C 14 15.56 -23.96 7.29
N THR C 15 15.59 -23.16 6.22
CA THR C 15 15.05 -21.81 6.30
C THR C 15 13.57 -21.82 6.68
N THR C 16 12.82 -22.80 6.21
CA THR C 16 11.39 -22.86 6.46
C THR C 16 11.04 -23.61 7.72
N ASP C 17 12.03 -24.00 8.53
CA ASP C 17 11.75 -24.79 9.71
C ASP C 17 11.03 -23.92 10.75
N ASP C 18 10.63 -24.54 11.85
CA ASP C 18 10.01 -23.81 12.95
C ASP C 18 10.47 -24.43 14.26
N ASP C 19 10.86 -23.58 15.20
CA ASP C 19 11.30 -24.01 16.51
C ASP C 19 11.63 -22.75 17.30
N THR C 20 11.66 -22.90 18.62
CA THR C 20 11.90 -21.74 19.48
C THR C 20 13.36 -21.36 19.42
N ALA C 21 13.62 -20.11 19.05
CA ALA C 21 14.94 -19.53 19.18
C ALA C 21 15.04 -18.82 20.52
N ALA C 22 16.19 -18.92 21.16
CA ALA C 22 16.34 -18.43 22.51
C ALA C 22 16.18 -16.91 22.55
N PRO C 23 15.29 -16.38 23.37
CA PRO C 23 15.09 -14.93 23.41
C PRO C 23 16.35 -14.22 23.87
N ILE C 24 16.75 -13.21 23.10
CA ILE C 24 17.95 -12.47 23.45
C ILE C 24 17.74 -11.62 24.69
N LEU C 25 16.48 -11.32 25.03
CA LEU C 25 16.15 -10.50 26.20
C LEU C 25 14.98 -11.15 26.93
N PRO C 26 15.27 -12.13 27.79
CA PRO C 26 14.16 -12.89 28.38
C PRO C 26 13.26 -12.06 29.28
N GLY C 27 13.82 -11.15 30.06
CA GLY C 27 13.04 -10.40 31.01
C GLY C 27 12.32 -9.18 30.45
N PHE C 28 12.36 -8.98 29.14
CA PHE C 28 11.76 -7.81 28.53
C PHE C 28 10.30 -8.09 28.20
N THR C 29 9.42 -7.21 28.67
CA THR C 29 8.00 -7.30 28.32
C THR C 29 7.65 -6.17 27.37
N PRO C 30 7.13 -6.48 26.19
CA PRO C 30 6.88 -5.45 25.20
C PRO C 30 5.63 -4.65 25.52
N THR C 31 5.56 -3.47 24.91
CA THR C 31 4.42 -2.60 25.08
C THR C 31 3.13 -3.36 24.78
N PRO C 32 2.15 -3.35 25.68
CA PRO C 32 0.91 -4.06 25.41
C PRO C 32 0.22 -3.48 24.20
N THR C 33 -0.47 -4.33 23.46
CA THR C 33 -1.13 -3.91 22.24
C THR C 33 -2.46 -3.26 22.56
N ILE C 34 -2.74 -2.15 21.89
CA ILE C 34 -4.04 -1.48 22.00
C ILE C 34 -4.90 -1.95 20.84
N HIS C 35 -6.05 -1.31 20.69
CA HIS C 35 -6.96 -1.64 19.60
C HIS C 35 -6.73 -0.65 18.48
N ILE C 36 -6.21 -1.14 17.36
CA ILE C 36 -6.06 -0.35 16.14
C ILE C 36 -7.07 -0.88 15.13
N PRO C 37 -7.93 -0.03 14.58
CA PRO C 37 -8.97 -0.53 13.68
C PRO C 37 -8.41 -0.97 12.34
N GLY C 38 -9.16 -1.84 11.68
CA GLY C 38 -8.76 -2.31 10.38
C GLY C 38 -7.62 -3.30 10.38
N GLU C 39 -7.74 -4.37 11.15
CA GLU C 39 -6.72 -5.40 11.16
C GLU C 39 -6.98 -6.41 10.06
N VAL C 40 -5.90 -6.90 9.46
CA VAL C 40 -5.98 -7.83 8.34
C VAL C 40 -5.51 -9.19 8.80
N HIS C 41 -6.39 -10.18 8.68
CA HIS C 41 -6.07 -11.56 9.05
C HIS C 41 -5.58 -12.35 7.84
N SER C 42 -6.41 -12.47 6.81
CA SER C 42 -6.04 -13.19 5.61
C SER C 42 -5.90 -12.24 4.43
N LEU C 43 -5.10 -12.66 3.45
CA LEU C 43 -5.00 -11.89 2.21
C LEU C 43 -6.27 -11.98 1.39
N LEU C 44 -7.07 -13.02 1.57
CA LEU C 44 -8.32 -13.11 0.83
C LEU C 44 -9.24 -11.95 1.16
N GLU C 45 -9.32 -11.58 2.44
CA GLU C 45 -10.03 -10.38 2.82
C GLU C 45 -9.60 -9.19 1.96
N LEU C 46 -8.35 -9.18 1.56
CA LEU C 46 -7.76 -8.10 0.80
C LEU C 46 -7.91 -8.29 -0.71
N CYS C 47 -8.29 -9.48 -1.17
CA CYS C 47 -8.52 -9.70 -2.59
C CYS C 47 -9.91 -9.25 -3.01
N ARG C 48 -10.89 -9.42 -2.13
CA ARG C 48 -12.30 -9.18 -2.46
C ARG C 48 -12.58 -7.72 -2.73
N VAL C 49 -11.66 -6.82 -2.42
CA VAL C 49 -11.83 -5.42 -2.74
C VAL C 49 -11.74 -5.24 -4.24
N GLU C 50 -12.74 -4.60 -4.84
CA GLU C 50 -12.79 -4.43 -6.28
C GLU C 50 -12.02 -3.18 -6.67
N THR C 51 -11.02 -3.34 -7.52
CA THR C 51 -10.15 -2.25 -7.94
C THR C 51 -10.15 -2.14 -9.45
N ILE C 52 -9.73 -0.97 -9.94
CA ILE C 52 -9.94 -0.61 -11.33
C ILE C 52 -9.01 -1.38 -12.24
N LEU C 53 -9.58 -1.97 -13.29
CA LEU C 53 -8.78 -2.58 -14.35
C LEU C 53 -8.37 -1.52 -15.36
N GLU C 54 -7.19 -1.70 -15.96
CA GLU C 54 -6.84 -0.89 -17.12
C GLU C 54 -7.25 -1.68 -18.35
N VAL C 55 -8.36 -1.31 -18.97
CA VAL C 55 -8.72 -2.01 -20.20
C VAL C 55 -8.22 -1.28 -21.43
N ASN C 56 -7.85 -0.01 -21.31
CA ASN C 56 -7.22 0.70 -22.41
C ASN C 56 -5.79 0.96 -21.98
N ASN C 57 -4.89 0.07 -22.37
CA ASN C 57 -3.50 0.15 -21.98
C ASN C 57 -2.54 0.50 -23.11
N THR C 58 -3.00 0.74 -24.32
CA THR C 58 -2.13 0.71 -25.50
C THR C 58 -1.74 2.10 -25.97
N THR C 59 -0.50 2.50 -25.68
CA THR C 59 0.34 3.43 -26.44
C THR C 59 -0.42 4.58 -27.09
N GLU C 60 -1.53 5.00 -26.51
CA GLU C 60 -2.29 6.09 -27.09
C GLU C 60 -2.66 7.03 -25.97
N ALA C 61 -3.49 6.54 -25.06
CA ALA C 61 -3.78 7.21 -23.81
C ALA C 61 -2.78 6.68 -22.79
N THR C 62 -1.87 7.54 -22.38
CA THR C 62 -0.88 7.23 -21.37
C THR C 62 -1.08 8.21 -20.24
N GLY C 63 -1.56 7.72 -19.11
CA GLY C 63 -1.90 8.58 -18.01
C GLY C 63 -3.05 7.97 -17.24
N LEU C 64 -3.78 8.83 -16.54
CA LEU C 64 -4.97 8.39 -15.85
C LEU C 64 -6.06 7.98 -16.83
N THR C 65 -5.95 8.40 -18.10
CA THR C 65 -6.87 7.99 -19.16
C THR C 65 -6.67 6.55 -19.57
N ARG C 66 -5.67 5.89 -19.02
CA ARG C 66 -5.39 4.48 -19.28
C ARG C 66 -6.35 3.56 -18.54
N LEU C 67 -7.15 4.11 -17.63
CA LEU C 67 -8.11 3.36 -16.84
C LEU C 67 -9.51 3.37 -17.42
N LEU C 68 -9.74 4.09 -18.50
CA LEU C 68 -11.07 4.42 -18.99
C LEU C 68 -11.27 3.91 -20.40
N ILE C 69 -12.44 3.36 -20.68
CA ILE C 69 -12.72 2.92 -22.05
C ILE C 69 -13.89 3.72 -22.56
N PRO C 70 -13.86 4.16 -23.81
CA PRO C 70 -14.83 5.16 -24.26
C PRO C 70 -16.07 4.56 -24.91
N VAL C 71 -17.01 5.46 -25.19
CA VAL C 71 -18.19 5.20 -26.01
C VAL C 71 -18.45 6.51 -26.74
N SER C 72 -19.11 6.43 -27.89
CA SER C 72 -19.31 7.66 -28.63
C SER C 72 -20.59 7.56 -29.46
N SER C 73 -20.92 8.68 -30.10
CA SER C 73 -22.06 8.72 -30.98
C SER C 73 -21.73 8.13 -32.35
N GLN C 74 -20.50 8.30 -32.81
CA GLN C 74 -20.15 7.88 -34.15
C GLN C 74 -20.16 6.36 -34.32
N ASN C 75 -20.06 5.60 -33.25
CA ASN C 75 -20.01 4.15 -33.37
C ASN C 75 -21.41 3.61 -33.62
N LYS C 76 -21.58 2.92 -34.73
CA LYS C 76 -22.87 2.34 -35.05
C LYS C 76 -23.20 1.21 -34.09
N ALA C 77 -24.48 0.88 -34.02
CA ALA C 77 -24.90 -0.22 -33.18
C ALA C 77 -24.36 -1.54 -33.71
N ASP C 78 -24.38 -2.56 -32.86
CA ASP C 78 -23.99 -3.91 -33.25
C ASP C 78 -22.53 -3.97 -33.67
N GLU C 79 -21.65 -3.43 -32.83
CA GLU C 79 -20.22 -3.59 -33.04
C GLU C 79 -19.51 -3.57 -31.70
N LEU C 80 -18.27 -4.04 -31.72
CA LEU C 80 -17.51 -4.26 -30.50
C LEU C 80 -16.98 -2.96 -29.96
N CYS C 81 -17.09 -2.78 -28.65
CA CYS C 81 -16.50 -1.63 -27.97
C CYS C 81 -15.12 -1.98 -27.42
N ALA C 82 -15.06 -2.94 -26.49
CA ALA C 82 -13.79 -3.39 -25.95
C ALA C 82 -13.93 -4.82 -25.44
N ALA C 83 -12.79 -5.47 -25.26
CA ALA C 83 -12.73 -6.82 -24.74
C ALA C 83 -11.42 -7.00 -24.00
N PHE C 84 -11.43 -7.87 -23.01
CA PHE C 84 -10.20 -8.20 -22.31
C PHE C 84 -10.30 -9.63 -21.78
N MET C 85 -9.18 -10.34 -21.81
CA MET C 85 -9.15 -11.68 -21.23
C MET C 85 -9.32 -11.57 -19.73
N VAL C 86 -9.98 -12.56 -19.14
CA VAL C 86 -10.09 -12.60 -17.69
C VAL C 86 -9.15 -13.69 -17.19
N ASP C 87 -8.01 -13.24 -16.66
CA ASP C 87 -7.14 -14.00 -15.80
C ASP C 87 -6.46 -13.01 -14.88
N PRO C 88 -6.34 -13.31 -13.59
CA PRO C 88 -5.56 -12.42 -12.73
C PRO C 88 -4.07 -12.50 -12.97
N GLY C 89 -3.55 -13.65 -13.38
CA GLY C 89 -2.15 -13.92 -13.24
C GLY C 89 -1.25 -13.60 -14.41
N ARG C 90 -1.77 -13.11 -15.52
CA ARG C 90 -0.94 -12.81 -16.66
C ARG C 90 -0.90 -11.30 -16.90
N ILE C 91 -0.10 -10.91 -17.88
CA ILE C 91 0.08 -9.49 -18.16
C ILE C 91 -1.21 -8.89 -18.71
N GLY C 92 -1.28 -7.56 -18.67
CA GLY C 92 -2.45 -6.87 -19.14
C GLY C 92 -3.36 -6.37 -18.05
N PRO C 93 -4.62 -6.13 -18.39
CA PRO C 93 -5.51 -5.32 -17.55
C PRO C 93 -5.57 -5.67 -16.08
N TRP C 94 -5.23 -6.90 -15.71
CA TRP C 94 -5.36 -7.30 -14.33
C TRP C 94 -4.15 -6.96 -13.47
N GLN C 95 -3.05 -6.54 -14.08
CA GLN C 95 -1.88 -6.19 -13.29
C GLN C 95 -2.12 -4.98 -12.40
N SER C 96 -3.15 -4.19 -12.69
CA SER C 96 -3.44 -3.03 -11.86
C SER C 96 -4.21 -3.40 -10.60
N THR C 97 -5.02 -4.44 -10.66
CA THR C 97 -5.86 -4.82 -9.52
C THR C 97 -5.06 -5.49 -8.42
N LEU C 98 -5.64 -5.50 -7.23
CA LEU C 98 -5.08 -6.30 -6.14
C LEU C 98 -5.13 -7.78 -6.47
N VAL C 99 -6.32 -8.30 -6.78
CA VAL C 99 -6.44 -9.71 -7.12
C VAL C 99 -5.43 -10.08 -8.19
N GLY C 100 -5.15 -9.16 -9.11
CA GLY C 100 -4.14 -9.44 -10.11
C GLY C 100 -2.74 -9.41 -9.54
N GLN C 101 -2.45 -8.42 -8.69
CA GLN C 101 -1.12 -8.32 -8.11
C GLN C 101 -0.91 -9.31 -7.00
N ILE C 102 -1.99 -9.74 -6.34
CA ILE C 102 -1.83 -10.68 -5.25
C ILE C 102 -1.67 -12.10 -5.76
N CYS C 103 -2.13 -12.38 -6.96
CA CYS C 103 -1.90 -13.69 -7.55
C CYS C 103 -0.49 -13.87 -8.05
N ARG C 104 0.32 -12.81 -8.11
CA ARG C 104 1.71 -13.00 -8.47
C ARG C 104 2.51 -13.70 -7.38
N TYR C 105 2.03 -13.68 -6.14
CA TYR C 105 2.72 -14.32 -5.05
C TYR C 105 2.38 -15.79 -4.89
N TYR C 106 1.50 -16.33 -5.71
CA TYR C 106 1.08 -17.71 -5.57
C TYR C 106 1.06 -18.35 -6.94
N THR C 107 1.40 -19.63 -7.01
CA THR C 107 1.49 -20.30 -8.31
C THR C 107 0.13 -20.76 -8.81
N GLN C 108 -0.71 -21.31 -7.94
CA GLN C 108 -2.00 -21.85 -8.35
C GLN C 108 -3.11 -21.06 -7.69
N TRP C 109 -4.12 -20.70 -8.48
CA TRP C 109 -5.34 -20.11 -7.95
C TRP C 109 -6.52 -20.69 -8.71
N SER C 110 -7.70 -20.43 -8.17
CA SER C 110 -8.96 -20.86 -8.78
C SER C 110 -10.08 -20.32 -7.92
N GLY C 111 -11.24 -20.21 -8.52
CA GLY C 111 -12.39 -19.66 -7.85
C GLY C 111 -13.21 -18.86 -8.83
N SER C 112 -14.13 -18.08 -8.28
CA SER C 112 -14.97 -17.21 -9.09
C SER C 112 -14.48 -15.77 -8.96
N LEU C 113 -14.65 -15.00 -10.02
CA LEU C 113 -14.29 -13.60 -10.04
C LEU C 113 -15.54 -12.76 -10.30
N LYS C 114 -15.41 -11.47 -10.03
CA LYS C 114 -16.53 -10.53 -10.09
C LYS C 114 -16.07 -9.31 -10.87
N VAL C 115 -16.67 -9.07 -12.03
CA VAL C 115 -16.32 -7.93 -12.88
C VAL C 115 -17.47 -6.95 -12.86
N THR C 116 -17.16 -5.66 -12.71
CA THR C 116 -18.17 -4.64 -12.48
C THR C 116 -17.88 -3.43 -13.35
N PHE C 117 -18.94 -2.90 -13.96
CA PHE C 117 -18.83 -1.75 -14.83
C PHE C 117 -19.60 -0.56 -14.28
N MET C 118 -19.10 0.64 -14.58
CA MET C 118 -19.70 1.88 -14.12
C MET C 118 -19.67 2.88 -15.27
N PHE C 119 -20.74 3.64 -15.42
CA PHE C 119 -20.93 4.52 -16.56
C PHE C 119 -20.85 5.96 -16.09
N THR C 120 -19.94 6.73 -16.69
CA THR C 120 -19.73 8.12 -16.31
C THR C 120 -20.44 9.11 -17.20
N GLY C 121 -21.24 8.67 -18.15
CA GLY C 121 -21.94 9.58 -19.03
C GLY C 121 -22.97 10.42 -18.29
N SER C 122 -23.60 11.31 -19.03
CA SER C 122 -24.51 12.27 -18.44
C SER C 122 -25.83 11.60 -18.04
N PHE C 123 -26.52 12.23 -17.09
CA PHE C 123 -27.80 11.73 -16.66
C PHE C 123 -28.83 11.74 -17.77
N MET C 124 -28.65 12.62 -18.75
CA MET C 124 -29.58 12.71 -19.88
C MET C 124 -29.34 11.63 -20.92
N ALA C 125 -28.13 11.07 -20.99
CA ALA C 125 -27.80 10.12 -22.03
C ALA C 125 -28.43 8.76 -21.76
N THR C 126 -28.54 7.97 -22.81
CA THR C 126 -29.16 6.65 -22.72
C THR C 126 -28.63 5.76 -23.84
N GLY C 127 -28.85 4.47 -23.68
CA GLY C 127 -28.39 3.49 -24.63
C GLY C 127 -28.38 2.12 -23.99
N LYS C 128 -27.78 1.16 -24.69
CA LYS C 128 -27.64 -0.19 -24.16
C LYS C 128 -26.31 -0.78 -24.59
N MET C 129 -25.75 -1.62 -23.72
CA MET C 129 -24.58 -2.42 -24.04
C MET C 129 -24.90 -3.88 -23.77
N LEU C 130 -24.24 -4.76 -24.50
CA LEU C 130 -24.28 -6.19 -24.25
C LEU C 130 -22.91 -6.59 -23.77
N VAL C 131 -22.83 -7.02 -22.52
CA VAL C 131 -21.59 -7.49 -21.92
C VAL C 131 -21.70 -9.00 -21.73
N ALA C 132 -20.80 -9.73 -22.39
CA ALA C 132 -20.90 -11.17 -22.47
C ALA C 132 -19.58 -11.82 -22.12
N TYR C 133 -19.66 -13.04 -21.61
CA TYR C 133 -18.50 -13.81 -21.18
C TYR C 133 -18.46 -15.12 -21.94
N SER C 134 -17.34 -15.37 -22.62
CA SER C 134 -17.16 -16.61 -23.34
C SER C 134 -16.21 -17.51 -22.57
N PRO C 135 -16.60 -18.72 -22.21
CA PRO C 135 -15.77 -19.56 -21.36
C PRO C 135 -14.49 -19.94 -22.07
N PRO C 136 -13.48 -20.41 -21.34
CA PRO C 136 -12.23 -20.80 -21.97
C PRO C 136 -12.43 -21.90 -23.00
N GLY C 137 -11.53 -21.91 -23.98
CA GLY C 137 -11.63 -22.81 -25.10
C GLY C 137 -12.41 -22.26 -26.26
N SER C 138 -13.31 -21.32 -26.02
CA SER C 138 -14.00 -20.60 -27.08
C SER C 138 -13.20 -19.34 -27.40
N ALA C 139 -13.11 -19.02 -28.68
CA ALA C 139 -12.27 -17.91 -29.11
C ALA C 139 -13.03 -16.59 -28.95
N GLN C 140 -12.42 -15.51 -29.44
CA GLN C 140 -13.03 -14.20 -29.49
C GLN C 140 -14.36 -14.27 -30.23
N PRO C 141 -15.48 -13.90 -29.60
CA PRO C 141 -16.74 -13.85 -30.33
C PRO C 141 -16.65 -12.86 -31.47
N ALA C 142 -17.01 -13.32 -32.67
CA ALA C 142 -16.87 -12.50 -33.86
C ALA C 142 -18.02 -11.53 -34.05
N ASN C 143 -19.21 -11.92 -33.64
CA ASN C 143 -20.42 -11.15 -33.88
C ASN C 143 -21.20 -11.01 -32.59
N ARG C 144 -21.94 -9.90 -32.47
CA ARG C 144 -22.83 -9.76 -31.34
C ARG C 144 -23.81 -10.91 -31.25
N GLU C 145 -24.27 -11.39 -32.41
CA GLU C 145 -25.31 -12.42 -32.45
C GLU C 145 -24.82 -13.70 -31.80
N THR C 146 -23.60 -14.12 -32.13
CA THR C 146 -23.03 -15.30 -31.49
C THR C 146 -22.64 -15.00 -30.05
N ALA C 147 -22.29 -13.75 -29.77
CA ALA C 147 -21.98 -13.37 -28.40
C ALA C 147 -23.21 -13.49 -27.51
N MET C 148 -24.37 -13.13 -28.05
CA MET C 148 -25.60 -13.17 -27.26
C MET C 148 -25.92 -14.58 -26.81
N LEU C 149 -25.59 -15.58 -27.62
CA LEU C 149 -25.99 -16.95 -27.32
C LEU C 149 -25.27 -17.52 -26.11
N GLY C 150 -24.23 -16.87 -25.63
CA GLY C 150 -23.50 -17.30 -24.45
C GLY C 150 -24.08 -16.73 -23.18
N THR C 151 -23.21 -16.51 -22.19
CA THR C 151 -23.60 -15.89 -20.93
C THR C 151 -23.43 -14.38 -21.07
N HIS C 152 -24.53 -13.65 -21.01
CA HIS C 152 -24.50 -12.22 -21.26
C HIS C 152 -25.39 -11.51 -20.27
N VAL C 153 -25.26 -10.18 -20.24
CA VAL C 153 -26.19 -9.30 -19.55
C VAL C 153 -26.48 -8.11 -20.45
N ILE C 154 -27.74 -7.92 -20.79
CA ILE C 154 -28.15 -6.66 -21.39
C ILE C 154 -28.17 -5.59 -20.31
N TRP C 155 -27.48 -4.49 -20.56
CA TRP C 155 -27.32 -3.44 -19.56
C TRP C 155 -27.66 -2.08 -20.15
N ASP C 156 -28.74 -1.51 -19.65
CA ASP C 156 -29.29 -0.24 -20.12
C ASP C 156 -28.83 0.87 -19.18
N PHE C 157 -28.19 1.89 -19.74
CA PHE C 157 -27.60 2.91 -18.88
C PHE C 157 -28.67 3.66 -18.12
N GLY C 158 -29.69 4.13 -18.83
CA GLY C 158 -30.72 4.94 -18.20
C GLY C 158 -31.28 4.30 -16.95
N LEU C 159 -31.45 2.99 -16.96
CA LEU C 159 -31.94 2.29 -15.78
C LEU C 159 -30.85 2.16 -14.72
N GLN C 160 -29.84 1.35 -14.99
CA GLN C 160 -28.77 1.09 -14.05
C GLN C 160 -27.53 1.87 -14.46
N SER C 161 -26.93 2.56 -13.51
CA SER C 161 -25.64 3.19 -13.76
C SER C 161 -24.48 2.24 -13.57
N SER C 162 -24.75 1.01 -13.12
CA SER C 162 -23.72 0.02 -12.90
C SER C 162 -24.27 -1.37 -13.11
N VAL C 163 -23.46 -2.24 -13.68
CA VAL C 163 -23.82 -3.63 -13.93
C VAL C 163 -22.74 -4.49 -13.32
N SER C 164 -23.06 -5.76 -13.09
CA SER C 164 -22.08 -6.68 -12.53
C SER C 164 -22.25 -8.06 -13.16
N LEU C 165 -21.13 -8.72 -13.37
CA LEU C 165 -21.12 -10.01 -14.06
C LEU C 165 -20.18 -10.95 -13.32
N VAL C 166 -20.71 -12.07 -12.87
CA VAL C 166 -19.91 -13.05 -12.13
C VAL C 166 -19.46 -14.12 -13.11
N ILE C 167 -18.16 -14.14 -13.40
CA ILE C 167 -17.57 -15.26 -14.14
C ILE C 167 -17.56 -16.50 -13.25
N PRO C 168 -18.10 -17.62 -13.71
CA PRO C 168 -18.34 -18.75 -12.81
C PRO C 168 -17.10 -19.39 -12.21
N TRP C 169 -16.09 -19.68 -13.04
CA TRP C 169 -14.95 -20.40 -12.51
C TRP C 169 -13.72 -20.12 -13.35
N ILE C 170 -12.56 -20.07 -12.69
CA ILE C 170 -11.30 -19.82 -13.38
C ILE C 170 -10.11 -20.19 -12.50
N SER C 171 -9.20 -21.00 -13.05
CA SER C 171 -8.02 -21.43 -12.32
C SER C 171 -6.89 -21.80 -13.26
N ASN C 172 -5.66 -21.80 -12.73
CA ASN C 172 -4.49 -22.14 -13.53
C ASN C 172 -4.12 -23.61 -13.41
N THR C 173 -3.48 -24.14 -14.45
CA THR C 173 -3.06 -25.54 -14.46
C THR C 173 -1.90 -25.76 -15.41
N HIS C 174 -0.84 -26.40 -14.91
CA HIS C 174 0.29 -26.81 -15.73
C HIS C 174 0.75 -28.19 -15.29
N PHE C 175 0.79 -29.13 -16.24
CA PHE C 175 1.31 -30.48 -16.03
C PHE C 175 0.63 -31.22 -14.88
N ASN C 183 6.57 -21.21 -24.29
CA ASN C 183 5.30 -20.50 -24.19
C ASN C 183 4.27 -21.14 -25.12
N TYR C 184 4.42 -22.45 -25.34
CA TYR C 184 3.49 -23.17 -26.21
C TYR C 184 2.15 -23.44 -25.54
N ASP C 185 2.09 -23.40 -24.20
CA ASP C 185 0.84 -23.62 -23.50
C ASP C 185 -0.09 -22.42 -23.64
N TYR C 186 0.44 -21.23 -23.34
CA TYR C 186 -0.24 -19.93 -23.49
C TYR C 186 -1.58 -19.87 -22.76
N TYR C 187 -1.79 -20.79 -21.81
CA TYR C 187 -2.84 -20.72 -20.79
C TYR C 187 -4.16 -20.15 -21.31
N THR C 188 -4.90 -20.91 -22.10
CA THR C 188 -6.16 -20.43 -22.61
C THR C 188 -7.15 -20.23 -21.47
N ALA C 189 -7.76 -19.04 -21.43
CA ALA C 189 -8.78 -18.71 -20.44
C ALA C 189 -9.89 -17.95 -21.14
N GLY C 190 -10.92 -17.58 -20.38
CA GLY C 190 -12.06 -16.92 -20.95
C GLY C 190 -11.80 -15.46 -21.26
N VAL C 191 -12.65 -14.89 -22.11
CA VAL C 191 -12.58 -13.47 -22.40
C VAL C 191 -13.98 -12.89 -22.18
N VAL C 192 -14.01 -11.61 -21.86
CA VAL C 192 -15.27 -10.88 -21.70
C VAL C 192 -15.25 -9.71 -22.69
N THR C 193 -16.32 -9.62 -23.46
CA THR C 193 -16.46 -8.60 -24.49
C THR C 193 -17.61 -7.67 -24.10
N LEU C 194 -17.55 -6.47 -24.65
CA LEU C 194 -18.54 -5.43 -24.35
C LEU C 194 -18.98 -4.82 -25.67
N TRP C 195 -20.24 -5.02 -26.01
CA TRP C 195 -20.78 -4.72 -27.33
C TRP C 195 -21.75 -3.55 -27.24
N TYR C 196 -21.86 -2.78 -28.33
CA TYR C 196 -22.96 -1.85 -28.42
C TYR C 196 -24.22 -2.62 -28.82
N GLN C 197 -25.20 -2.65 -27.94
CA GLN C 197 -26.50 -3.18 -28.32
C GLN C 197 -27.23 -2.20 -29.20
N THR C 198 -27.26 -0.94 -28.79
CA THR C 198 -27.87 0.15 -29.52
C THR C 198 -26.90 1.31 -29.53
N ASN C 199 -27.01 2.17 -30.52
CA ASN C 199 -26.12 3.31 -30.59
C ASN C 199 -26.35 4.21 -29.39
N TYR C 200 -25.34 5.02 -29.07
CA TYR C 200 -25.35 5.83 -27.86
C TYR C 200 -26.21 7.07 -28.11
N VAL C 201 -27.29 7.20 -27.34
CA VAL C 201 -28.28 8.25 -27.56
C VAL C 201 -28.01 9.38 -26.59
N VAL C 202 -28.00 10.60 -27.11
CA VAL C 202 -27.67 11.78 -26.31
C VAL C 202 -28.55 12.92 -26.76
N PRO C 203 -29.03 13.78 -25.85
CA PRO C 203 -29.86 14.90 -26.26
C PRO C 203 -29.01 16.04 -26.77
N PRO C 204 -29.61 17.13 -27.24
CA PRO C 204 -28.80 18.25 -27.73
C PRO C 204 -28.15 19.00 -26.59
N GLU C 205 -27.04 19.66 -26.90
CA GLU C 205 -26.28 20.42 -25.91
C GLU C 205 -25.84 19.53 -24.76
N THR C 206 -25.30 18.36 -25.11
CA THR C 206 -24.79 17.40 -24.17
C THR C 206 -23.61 16.70 -24.83
N PRO C 207 -22.57 16.34 -24.08
CA PRO C 207 -21.43 15.68 -24.71
C PRO C 207 -21.80 14.35 -25.31
N GLY C 208 -21.25 14.07 -26.49
CA GLY C 208 -21.59 12.85 -27.19
C GLY C 208 -20.54 11.76 -27.02
N GLU C 209 -19.73 11.87 -25.97
CA GLU C 209 -18.68 10.90 -25.71
C GLU C 209 -18.55 10.69 -24.22
N ALA C 210 -18.51 9.43 -23.80
CA ALA C 210 -18.53 9.06 -22.40
C ALA C 210 -17.55 7.92 -22.17
N TYR C 211 -17.34 7.58 -20.91
CA TYR C 211 -16.39 6.56 -20.52
C TYR C 211 -17.06 5.49 -19.66
N ILE C 212 -16.71 4.24 -19.91
CA ILE C 212 -16.99 3.13 -19.01
C ILE C 212 -15.74 2.88 -18.19
N ILE C 213 -15.92 2.52 -16.92
CA ILE C 213 -14.81 2.23 -16.02
C ILE C 213 -15.06 0.87 -15.40
N ALA C 214 -14.10 -0.04 -15.55
CA ALA C 214 -14.29 -1.44 -15.20
C ALA C 214 -13.39 -1.83 -14.03
N MET C 215 -13.95 -2.57 -13.09
CA MET C 215 -13.19 -2.97 -11.91
C MET C 215 -13.66 -4.35 -11.48
N GLY C 216 -12.75 -5.11 -10.88
CA GLY C 216 -13.05 -6.49 -10.57
C GLY C 216 -12.35 -6.99 -9.34
N ALA C 217 -12.90 -8.06 -8.77
CA ALA C 217 -12.42 -8.63 -7.53
C ALA C 217 -12.78 -10.10 -7.48
N ALA C 218 -12.11 -10.82 -6.60
CA ALA C 218 -12.42 -12.21 -6.31
C ALA C 218 -13.67 -12.32 -5.44
N GLN C 219 -14.23 -13.53 -5.40
CA GLN C 219 -15.34 -13.84 -4.51
C GLN C 219 -14.91 -14.83 -3.43
N ASP C 220 -15.88 -15.25 -2.63
CA ASP C 220 -15.58 -15.96 -1.39
C ASP C 220 -14.81 -17.25 -1.63
N ASN C 221 -15.14 -17.98 -2.69
CA ASN C 221 -14.55 -19.29 -2.91
C ASN C 221 -13.20 -19.23 -3.62
N PHE C 222 -12.71 -18.05 -3.92
CA PHE C 222 -11.42 -17.91 -4.57
C PHE C 222 -10.31 -18.28 -3.59
N THR C 223 -9.41 -19.17 -4.01
CA THR C 223 -8.31 -19.60 -3.15
C THR C 223 -7.00 -19.60 -3.92
N LEU C 224 -5.91 -19.53 -3.17
CA LEU C 224 -4.58 -19.51 -3.74
C LEU C 224 -3.72 -20.52 -2.99
N LYS C 225 -2.62 -20.93 -3.58
CA LYS C 225 -1.73 -21.88 -2.90
C LYS C 225 -0.34 -21.83 -3.53
N ILE C 226 0.58 -22.61 -2.95
CA ILE C 226 1.98 -22.72 -3.34
C ILE C 226 2.63 -21.35 -3.54
N CYS C 227 3.01 -20.72 -2.43
CA CYS C 227 3.62 -19.40 -2.41
C CYS C 227 4.85 -19.33 -3.32
N LYS C 228 5.08 -18.15 -3.90
CA LYS C 228 6.37 -17.86 -4.53
C LYS C 228 6.57 -16.35 -4.59
N ASP C 229 7.81 -15.95 -4.82
CA ASP C 229 8.15 -14.53 -5.00
C ASP C 229 7.70 -14.02 -6.36
N THR C 230 7.61 -12.70 -6.46
CA THR C 230 7.11 -12.05 -7.66
C THR C 230 8.23 -11.72 -8.63
N ASP C 231 7.93 -11.84 -9.92
CA ASP C 231 8.74 -11.25 -10.97
C ASP C 231 8.37 -9.81 -11.23
N GLU C 232 7.40 -9.28 -10.48
CA GLU C 232 6.89 -7.94 -10.73
C GLU C 232 7.93 -6.86 -10.46
N VAL C 233 8.98 -7.18 -9.70
CA VAL C 233 10.05 -6.24 -9.39
C VAL C 233 11.39 -6.88 -9.73
N THR C 234 12.18 -6.19 -10.54
CA THR C 234 13.53 -6.59 -10.87
C THR C 234 14.57 -5.88 -10.01
N GLN C 235 14.12 -5.11 -9.01
CA GLN C 235 14.96 -4.07 -8.41
C GLN C 235 16.25 -4.65 -7.83
N GLN C 236 16.13 -5.66 -6.96
CA GLN C 236 17.28 -6.28 -6.30
C GLN C 236 18.07 -5.27 -5.47
N ALA C 237 17.49 -4.92 -4.32
CA ALA C 237 18.23 -4.31 -3.21
C ALA C 237 18.81 -2.94 -3.59
N VAL C 238 17.91 -1.94 -3.63
CA VAL C 238 18.35 -0.55 -3.70
C VAL C 238 19.42 -0.26 -2.66
N LEU C 239 19.06 -0.38 -1.38
CA LEU C 239 19.90 -0.08 -0.23
C LEU C 239 20.56 1.29 -0.29
N GLN C 240 21.80 1.38 0.17
CA GLN C 240 22.51 2.64 0.44
C GLN C 240 21.59 3.75 0.91
#